data_3VNU
#
_entry.id   3VNU
#
_cell.length_a   139.005
_cell.length_b   255.506
_cell.length_c   101.425
_cell.angle_alpha   90.00
_cell.angle_beta   90.00
_cell.angle_gamma   90.00
#
_symmetry.space_group_name_H-M   'C 2 2 21'
#
loop_
_entity.id
_entity.type
_entity.pdbx_description
1 polymer 'Elongation factor Ts, Elongation factor Tu, LINKER, Q beta replicase'
2 polymer "RNA (5'-R(*CP*CP*CP*UP*AP*CP*CP*C)-3')"
3 polymer "RNA (5'-R(*GP*GP*GP*UP*AP*GP*GP*G)-3')"
4 non-polymer "ADENOSINE-5'-TRIPHOSPHATE"
5 non-polymer 'CALCIUM ION'
6 water water
#
loop_
_entity_poly.entity_id
_entity_poly.type
_entity_poly.pdbx_seq_one_letter_code
_entity_poly.pdbx_strand_id
1 'polypeptide(L)'
;MAEITASLVKELRERTGAGMMDCKKALTEANGDIELAIENMRKSGAIKAAKKAGNVAADGVIKTKIDGNYGIILEVNCQT
DFVAKDAGFQAFADKVLDAAVAGKITDVEVLKAQFEEERVALVAKIGENINIRRVAALEGDVLGSYQHGARIGVLVAAKG
ADEELVKHIAMHVAASKPEFIKPEDVSAEVVEKEYQVQLDIAMQSGKPKEIAEKMVEGRMKKFTGEVSLTGQPFVMEPSK
TVGQLLKEHNAEVTGFIRFEVGEGIEKVETDFAAEVAAMSKQSHMSKEKFERTKPHVNVGTIGHVDHGKTTLTAAITTVL
AKTYGGAARAFDQIDNAPEEKARGITINTSHVEYDTPTRHYAHVDCPGHADYVKNMITGAAQMDGAILVVAATDGPMPQT
REHILLGRQVGVPYIIVFLNKCDMVDDEELLELVEMEVRELLSQYDFPGDDTPIVRGSALKALEGDAEWEAKILELAGFL
DSYIPEPERAIDKPFLLPIEDVFSISGRGTVVTGRVERGIIKVGEEVEIVGIKETQKSTCTGVEMFRKLLDEGRAGENVG
VLLRGIKREEIERGQVLAKPGTIKPHTKFESEVYILSKDEGGRHTPFFKGYRPQFYFRTTDVTGTIELPEGVEMVMPGDN
IKMVVTLIHPIAMDDGLRFAIREGGRTVGAGVVAKVLSGASGAAGGGGSGGGGSMSKTASSRNSLSAQLRRAANTRIEVE
GNLALSIANDLLLAYGQSPFNSEAECISFSPRFDGTPDDFRINYLKAEIMSKYDDFSLGIDTEAVAWEKFLAAEAECALT
NARLYRPDYSEDFNFSLGESCIHMARRKIAKLIGDVPSVEGMLRHCRFSGGATTTNNRSYGHPSFKFALPQACTPRALKY
VLALRASTHFDIRISDISPFNKAVTVPKNSKTDRCIAIEPGWNMFFQLGIGGILRDRLRCWGIDLNDQTINQRRAHEGSV
TNNLATVDLSAASDSISLALCELLLPPGWFEVLMDLRSPKGRLPDGSVVTYEKISSMGNGYTFELESLIFASLARSVCEI
LDLDSSEVTVYGDDIILPSCAVPALREVFKYVGFTTNTKKTFSEGPFRESCGKHYYSGVDVTPFYIRHRIVSPADLILVL
NNLYRWATIDGVWDPRAHSVYLKYRKLLPKQLQRNTIPDGYGDGALVGSVLINPFAKNRGWIRYVPVITDHTRDRERAEL
GSYLYDLFSRCLSESNDGLPLRGPSGCDSADLFAIDQLICRSNPTKISRSTGKFDIQYIACSSRVLAPYGVFQGTKVASL
HEAHHHHHH
;
A
2 'polyribonucleotide' CCCUACCC G
3 'polyribonucleotide' GGGUAGGG T
#
# COMPACT_ATOMS: atom_id res chain seq x y z
N ALA A 2 24.60 -51.72 13.68
CA ALA A 2 24.20 -52.91 12.89
C ALA A 2 23.41 -53.87 13.78
N GLU A 3 22.21 -54.25 13.34
CA GLU A 3 21.33 -55.16 14.10
C GLU A 3 21.01 -56.46 13.33
N ILE A 4 19.89 -56.45 12.61
CA ILE A 4 19.59 -57.48 11.59
C ILE A 4 19.80 -56.81 10.23
N THR A 5 19.71 -57.57 9.14
CA THR A 5 20.16 -57.06 7.84
C THR A 5 19.26 -55.96 7.28
N ALA A 6 19.90 -54.89 6.76
CA ALA A 6 19.20 -53.75 6.17
C ALA A 6 18.64 -54.06 4.77
N SER A 7 18.92 -55.27 4.29
CA SER A 7 18.43 -55.77 3.00
C SER A 7 16.91 -55.76 2.92
N LEU A 8 16.28 -56.68 3.62
CA LEU A 8 14.84 -56.80 3.56
C LEU A 8 14.14 -55.82 4.54
N VAL A 9 14.84 -54.74 4.91
CA VAL A 9 14.20 -53.62 5.63
C VAL A 9 13.46 -52.78 4.59
N LYS A 10 13.98 -52.76 3.36
CA LYS A 10 13.32 -52.09 2.25
C LYS A 10 12.14 -52.90 1.78
N GLU A 11 12.18 -54.20 2.08
CA GLU A 11 11.03 -55.05 1.84
C GLU A 11 9.92 -54.60 2.78
N LEU A 12 10.29 -54.05 3.91
CA LEU A 12 9.33 -53.53 4.86
C LEU A 12 9.00 -52.09 4.52
N ARG A 13 9.72 -51.52 3.57
CA ARG A 13 9.42 -50.19 3.10
C ARG A 13 8.51 -50.29 1.92
N GLU A 14 9.03 -50.77 0.79
CA GLU A 14 8.24 -50.82 -0.44
C GLU A 14 7.14 -51.93 -0.41
N ARG A 15 6.84 -52.50 0.77
CA ARG A 15 5.61 -53.31 0.97
C ARG A 15 4.67 -52.60 1.92
N THR A 16 5.22 -51.65 2.67
CA THR A 16 4.41 -50.84 3.57
C THR A 16 4.47 -49.37 3.17
N GLY A 17 5.66 -48.79 3.30
CA GLY A 17 5.86 -47.38 3.03
C GLY A 17 6.08 -46.64 4.33
N ALA A 18 6.18 -47.38 5.42
CA ALA A 18 6.41 -46.77 6.71
C ALA A 18 7.80 -46.19 6.81
N GLY A 19 8.13 -45.67 7.99
CA GLY A 19 9.42 -45.06 8.23
C GLY A 19 10.60 -45.99 8.01
N MET A 20 11.78 -45.39 7.81
CA MET A 20 12.99 -46.17 7.66
C MET A 20 13.37 -46.93 8.94
N MET A 21 13.73 -46.20 9.99
CA MET A 21 14.14 -46.80 11.26
C MET A 21 12.98 -47.40 11.99
N ASP A 22 11.78 -46.93 11.69
CA ASP A 22 10.59 -47.50 12.30
C ASP A 22 10.23 -48.84 11.65
N CYS A 23 11.03 -49.26 10.66
CA CYS A 23 10.96 -50.61 10.10
C CYS A 23 11.92 -51.51 10.85
N LYS A 24 13.20 -51.12 10.86
CA LYS A 24 14.25 -51.91 11.46
C LYS A 24 14.06 -52.09 12.94
N LYS A 25 13.51 -51.08 13.62
CA LYS A 25 13.23 -51.16 15.05
C LYS A 25 11.94 -51.97 15.31
N ALA A 26 11.07 -52.03 14.31
CA ALA A 26 9.87 -52.88 14.38
C ALA A 26 10.16 -54.24 13.74
N LEU A 27 11.40 -54.41 13.30
CA LEU A 27 11.85 -55.65 12.71
C LEU A 27 12.77 -56.37 13.69
N THR A 28 13.44 -55.58 14.52
CA THR A 28 14.27 -56.09 15.60
C THR A 28 13.39 -56.60 16.72
N GLU A 29 12.16 -56.08 16.80
CA GLU A 29 11.18 -56.54 17.76
C GLU A 29 10.17 -57.45 17.08
N ALA A 30 10.65 -58.23 16.11
CA ALA A 30 9.84 -59.18 15.34
C ALA A 30 10.66 -60.39 14.94
N ASN A 31 11.96 -60.33 15.21
CA ASN A 31 12.86 -61.48 15.07
C ASN A 31 12.97 -61.99 13.63
N GLY A 32 13.39 -61.12 12.71
CA GLY A 32 13.59 -61.48 11.31
C GLY A 32 12.35 -61.97 10.56
N ASP A 33 11.16 -61.54 11.00
CA ASP A 33 9.90 -61.92 10.34
C ASP A 33 9.23 -60.73 9.63
N ILE A 34 8.49 -61.03 8.55
CA ILE A 34 7.79 -60.00 7.78
C ILE A 34 6.43 -59.65 8.38
N GLU A 35 5.55 -60.65 8.46
CA GLU A 35 4.15 -60.44 8.84
C GLU A 35 4.01 -59.75 10.20
N LEU A 36 4.55 -60.40 11.22
CA LEU A 36 4.37 -59.95 12.60
C LEU A 36 5.04 -58.61 12.84
N ALA A 37 5.95 -58.25 11.94
CA ALA A 37 6.58 -56.95 11.95
C ALA A 37 5.58 -55.87 11.50
N ILE A 38 4.79 -56.19 10.48
CA ILE A 38 3.77 -55.24 9.97
C ILE A 38 2.57 -55.21 10.93
N GLU A 39 2.41 -56.32 11.67
CA GLU A 39 1.35 -56.43 12.66
C GLU A 39 1.68 -55.60 13.88
N ASN A 40 2.97 -55.37 14.07
CA ASN A 40 3.44 -54.42 15.06
C ASN A 40 3.16 -53.02 14.57
N MET A 41 3.46 -52.79 13.29
CA MET A 41 3.33 -51.47 12.71
C MET A 41 1.86 -51.07 12.67
N ARG A 42 0.99 -52.07 12.58
CA ARG A 42 -0.43 -51.83 12.52
C ARG A 42 -0.93 -51.12 13.79
N LYS A 43 -0.52 -51.65 14.93
CA LYS A 43 -0.94 -51.11 16.23
C LYS A 43 -0.05 -49.95 16.70
N SER A 44 1.22 -49.98 16.29
CA SER A 44 2.17 -48.95 16.67
C SER A 44 2.19 -47.86 15.62
N GLY A 45 1.10 -47.78 14.86
CA GLY A 45 0.98 -46.78 13.82
C GLY A 45 -0.24 -45.95 14.10
N ALA A 46 -1.17 -46.55 14.84
CA ALA A 46 -2.35 -45.86 15.36
C ALA A 46 -1.98 -45.00 16.58
N ILE A 47 -0.94 -45.43 17.31
CA ILE A 47 -0.40 -44.66 18.42
C ILE A 47 0.24 -43.38 17.91
N LYS A 48 0.88 -43.49 16.75
CA LYS A 48 1.45 -42.34 16.08
C LYS A 48 0.32 -41.45 15.57
N ALA A 49 -0.74 -42.08 15.05
CA ALA A 49 -1.89 -41.36 14.54
C ALA A 49 -2.59 -40.59 15.66
N ALA A 50 -2.52 -41.14 16.86
CA ALA A 50 -3.08 -40.49 18.03
C ALA A 50 -2.21 -39.29 18.43
N LYS A 51 -0.90 -39.39 18.19
CA LYS A 51 0.06 -38.32 18.43
C LYS A 51 -0.27 -37.12 17.56
N LYS A 52 -0.88 -37.41 16.43
CA LYS A 52 -1.38 -36.37 15.56
C LYS A 52 -2.71 -35.84 16.08
N ALA A 53 -2.65 -35.10 17.16
CA ALA A 53 -3.79 -34.33 17.60
C ALA A 53 -3.30 -32.92 17.88
N GLY A 54 -2.01 -32.84 18.22
CA GLY A 54 -1.29 -31.58 18.46
C GLY A 54 -0.73 -31.02 17.17
N ASN A 55 -0.96 -31.77 16.08
CA ASN A 55 -0.64 -31.30 14.74
C ASN A 55 -1.88 -30.61 14.18
N VAL A 56 -1.92 -29.28 14.24
CA VAL A 56 -3.08 -28.56 13.69
C VAL A 56 -3.13 -28.66 12.16
N ALA A 57 -4.25 -29.15 11.61
CA ALA A 57 -4.43 -29.28 10.15
C ALA A 57 -5.05 -28.03 9.48
N ALA A 58 -4.24 -27.30 8.73
CA ALA A 58 -4.74 -26.11 8.04
C ALA A 58 -5.05 -26.32 6.57
N ASP A 59 -4.17 -27.03 5.87
CA ASP A 59 -4.31 -27.24 4.43
C ASP A 59 -5.32 -28.31 4.28
N GLY A 60 -5.52 -28.77 3.05
CA GLY A 60 -6.44 -29.86 2.82
C GLY A 60 -6.82 -29.85 1.38
N VAL A 61 -7.93 -30.55 1.08
CA VAL A 61 -8.65 -30.42 -0.20
C VAL A 61 -10.15 -30.29 0.02
N ILE A 62 -10.88 -30.14 -1.09
CA ILE A 62 -12.32 -30.26 -1.10
C ILE A 62 -12.66 -31.06 -2.34
N LYS A 63 -13.54 -32.05 -2.16
CA LYS A 63 -13.94 -32.90 -3.27
C LYS A 63 -15.45 -32.88 -3.46
N THR A 64 -15.90 -32.98 -4.71
CA THR A 64 -17.33 -32.99 -5.04
C THR A 64 -17.62 -34.06 -6.11
N LYS A 65 -18.84 -34.62 -6.11
CA LYS A 65 -19.25 -35.64 -7.11
C LYS A 65 -20.78 -35.77 -7.27
N ILE A 66 -21.24 -36.04 -8.50
CA ILE A 66 -22.69 -36.12 -8.79
C ILE A 66 -23.13 -37.42 -9.44
N ASP A 67 -24.43 -37.70 -9.38
CA ASP A 67 -25.05 -38.85 -10.03
C ASP A 67 -26.54 -38.59 -10.27
N GLY A 68 -26.92 -38.41 -11.53
CA GLY A 68 -28.28 -38.03 -11.90
C GLY A 68 -28.50 -36.57 -11.53
N ASN A 69 -28.96 -36.36 -10.29
CA ASN A 69 -29.10 -35.03 -9.68
C ASN A 69 -28.93 -35.16 -8.16
N TYR A 70 -27.83 -35.79 -7.79
CA TYR A 70 -27.52 -36.05 -6.39
C TYR A 70 -26.07 -35.67 -6.16
N GLY A 71 -25.87 -34.60 -5.41
CA GLY A 71 -24.56 -34.00 -5.21
C GLY A 71 -24.05 -34.19 -3.79
N ILE A 72 -22.73 -34.10 -3.64
CA ILE A 72 -22.05 -34.32 -2.36
C ILE A 72 -20.73 -33.54 -2.31
N ILE A 73 -20.42 -33.02 -1.12
CA ILE A 73 -19.21 -32.23 -0.90
C ILE A 73 -18.35 -32.91 0.16
N LEU A 74 -17.09 -32.50 0.28
CA LEU A 74 -16.19 -33.07 1.26
C LEU A 74 -15.20 -32.02 1.76
N GLU A 75 -14.52 -32.31 2.86
CA GLU A 75 -13.51 -31.38 3.35
C GLU A 75 -12.43 -32.13 4.05
N VAL A 76 -12.03 -33.28 3.49
CA VAL A 76 -10.89 -34.02 4.04
C VAL A 76 -9.64 -33.14 3.94
N ASN A 77 -8.91 -32.98 5.03
CA ASN A 77 -7.81 -32.02 5.02
C ASN A 77 -6.58 -32.48 5.80
N CYS A 78 -5.41 -31.98 5.39
CA CYS A 78 -4.15 -32.21 6.09
C CYS A 78 -3.64 -30.90 6.63
N GLN A 79 -2.32 -30.82 6.80
CA GLN A 79 -1.71 -29.61 7.29
C GLN A 79 -0.63 -29.03 6.36
N THR A 80 -0.55 -29.53 5.13
CA THR A 80 0.44 -29.05 4.13
C THR A 80 -0.07 -29.16 2.69
N ASP A 81 0.32 -28.19 1.87
CA ASP A 81 -0.05 -28.23 0.48
C ASP A 81 0.56 -29.43 -0.17
N PHE A 82 1.84 -29.65 0.07
CA PHE A 82 2.60 -30.69 -0.64
C PHE A 82 1.94 -32.05 -0.50
N VAL A 83 1.25 -32.27 0.62
CA VAL A 83 0.51 -33.52 0.83
C VAL A 83 -0.74 -33.57 -0.05
N ALA A 84 -1.56 -32.53 0.04
CA ALA A 84 -2.85 -32.49 -0.64
C ALA A 84 -2.77 -32.62 -2.17
N LYS A 85 -1.62 -32.23 -2.72
CA LYS A 85 -1.40 -32.21 -4.15
C LYS A 85 -0.79 -33.55 -4.65
N ASP A 86 -0.36 -34.39 -3.70
CA ASP A 86 0.32 -35.64 -4.04
C ASP A 86 -0.67 -36.72 -4.43
N ALA A 87 -0.16 -37.77 -5.07
CA ALA A 87 -0.97 -38.87 -5.55
C ALA A 87 -1.33 -39.85 -4.44
N GLY A 88 -1.31 -39.38 -3.20
CA GLY A 88 -1.53 -40.25 -2.05
C GLY A 88 -2.67 -39.76 -1.18
N PHE A 89 -2.60 -38.48 -0.82
CA PHE A 89 -3.71 -37.80 -0.16
C PHE A 89 -4.92 -37.78 -1.10
N GLN A 90 -4.65 -37.82 -2.39
CA GLN A 90 -5.68 -37.90 -3.41
C GLN A 90 -6.37 -39.24 -3.45
N ALA A 91 -5.57 -40.32 -3.47
CA ALA A 91 -6.07 -41.71 -3.54
C ALA A 91 -6.97 -42.03 -2.37
N PHE A 92 -6.79 -41.28 -1.29
CA PHE A 92 -7.54 -41.45 -0.06
C PHE A 92 -8.77 -40.53 -0.02
N ALA A 93 -8.56 -39.26 -0.33
CA ALA A 93 -9.61 -38.25 -0.28
C ALA A 93 -10.68 -38.54 -1.31
N ASP A 94 -10.25 -39.03 -2.48
CA ASP A 94 -11.17 -39.35 -3.57
C ASP A 94 -11.95 -40.59 -3.24
N LYS A 95 -11.26 -41.57 -2.71
CA LYS A 95 -11.87 -42.83 -2.42
C LYS A 95 -12.95 -42.70 -1.36
N VAL A 96 -12.80 -41.71 -0.48
CA VAL A 96 -13.81 -41.44 0.56
C VAL A 96 -14.84 -40.42 0.08
N LEU A 97 -14.80 -40.15 -1.22
CA LEU A 97 -15.80 -39.30 -1.87
C LEU A 97 -16.70 -40.09 -2.83
N ASP A 98 -16.18 -41.17 -3.40
CA ASP A 98 -17.03 -42.14 -4.08
C ASP A 98 -17.67 -43.13 -3.08
N ALA A 99 -17.36 -42.94 -1.80
CA ALA A 99 -18.03 -43.68 -0.71
C ALA A 99 -19.30 -42.95 -0.30
N ALA A 100 -19.37 -41.68 -0.65
CA ALA A 100 -20.55 -40.87 -0.39
C ALA A 100 -21.53 -40.92 -1.57
N VAL A 101 -21.06 -41.46 -2.70
CA VAL A 101 -21.92 -41.67 -3.87
C VAL A 101 -22.73 -42.96 -3.74
N ALA A 102 -22.03 -44.08 -3.49
CA ALA A 102 -22.66 -45.39 -3.25
C ALA A 102 -23.76 -45.28 -2.19
N GLY A 103 -23.35 -44.85 -0.99
CA GLY A 103 -24.28 -44.59 0.07
C GLY A 103 -24.25 -43.11 0.38
N LYS A 104 -25.43 -42.52 0.48
CA LYS A 104 -25.58 -41.11 0.85
C LYS A 104 -25.07 -40.86 2.26
N ILE A 105 -23.75 -40.98 2.45
CA ILE A 105 -23.16 -40.84 3.78
C ILE A 105 -23.04 -39.36 4.16
N THR A 106 -24.09 -38.85 4.80
CA THR A 106 -24.17 -37.45 5.18
C THR A 106 -24.12 -37.37 6.69
N ASP A 107 -23.05 -37.91 7.25
CA ASP A 107 -22.77 -37.76 8.68
C ASP A 107 -21.29 -38.02 8.84
N VAL A 108 -20.56 -36.95 9.17
CA VAL A 108 -19.08 -37.00 9.25
C VAL A 108 -18.57 -38.16 10.08
N GLU A 109 -19.24 -38.42 11.20
CA GLU A 109 -18.82 -39.42 12.16
C GLU A 109 -18.88 -40.81 11.56
N VAL A 110 -19.71 -40.99 10.55
CA VAL A 110 -19.87 -42.29 9.91
C VAL A 110 -18.65 -42.68 9.08
N LEU A 111 -18.24 -41.80 8.18
CA LEU A 111 -17.08 -42.07 7.32
C LEU A 111 -15.76 -41.79 8.05
N LYS A 112 -15.84 -41.11 9.19
CA LYS A 112 -14.64 -40.81 9.98
C LYS A 112 -14.12 -42.10 10.60
N ALA A 113 -15.02 -43.05 10.81
CA ALA A 113 -14.68 -44.32 11.41
C ALA A 113 -14.69 -45.48 10.40
N GLN A 114 -15.35 -45.27 9.26
CA GLN A 114 -15.40 -46.28 8.21
C GLN A 114 -14.03 -46.51 7.56
N PHE A 115 -13.08 -45.60 7.82
CA PHE A 115 -11.75 -45.64 7.22
C PHE A 115 -10.63 -45.41 8.23
N GLU A 116 -10.90 -45.70 9.50
CA GLU A 116 -9.95 -45.44 10.57
C GLU A 116 -8.70 -46.33 10.52
N GLU A 117 -8.90 -47.60 10.18
CA GLU A 117 -7.79 -48.55 10.03
C GLU A 117 -6.96 -48.19 8.79
N GLU A 118 -7.54 -47.40 7.88
CA GLU A 118 -6.83 -46.92 6.69
C GLU A 118 -6.26 -45.52 6.86
N ARG A 119 -6.95 -44.71 7.67
CA ARG A 119 -6.51 -43.35 7.96
C ARG A 119 -5.16 -43.29 8.66
N VAL A 120 -4.83 -44.39 9.34
CA VAL A 120 -3.56 -44.48 10.04
C VAL A 120 -2.49 -44.99 9.09
N ALA A 121 -2.91 -45.59 7.97
CA ALA A 121 -1.98 -46.22 7.03
C ALA A 121 -1.26 -45.17 6.22
N LEU A 122 -1.72 -43.93 6.35
CA LEU A 122 -1.13 -42.82 5.63
C LEU A 122 -0.27 -41.97 6.53
N VAL A 123 -0.76 -41.72 7.74
CA VAL A 123 -0.02 -40.91 8.69
C VAL A 123 1.25 -41.63 9.17
N ALA A 124 1.22 -42.96 9.15
CA ALA A 124 2.39 -43.78 9.43
C ALA A 124 3.34 -43.72 8.24
N LYS A 125 2.75 -43.44 7.08
CA LYS A 125 3.52 -43.32 5.87
C LYS A 125 3.97 -41.87 5.64
N ILE A 126 3.12 -40.91 6.00
CA ILE A 126 3.43 -39.48 5.90
C ILE A 126 3.85 -38.90 7.25
N GLY A 127 2.88 -38.57 8.09
CA GLY A 127 3.15 -37.97 9.37
C GLY A 127 2.48 -36.62 9.57
N GLU A 128 1.21 -36.55 9.22
CA GLU A 128 0.42 -35.35 9.48
C GLU A 128 -0.97 -35.73 9.95
N ASN A 129 -1.59 -34.86 10.75
CA ASN A 129 -2.96 -35.10 11.24
C ASN A 129 -4.00 -35.11 10.11
N ILE A 130 -3.84 -36.08 9.22
CA ILE A 130 -4.74 -36.30 8.10
C ILE A 130 -6.12 -36.76 8.59
N ASN A 131 -7.03 -35.81 8.77
CA ASN A 131 -8.37 -36.13 9.26
C ASN A 131 -9.47 -35.46 8.44
N ILE A 132 -10.50 -36.22 8.09
CA ILE A 132 -11.70 -35.68 7.42
C ILE A 132 -12.36 -34.69 8.36
N ARG A 133 -12.87 -33.58 7.82
CA ARG A 133 -13.43 -32.54 8.65
C ARG A 133 -14.92 -32.55 8.56
N ARG A 134 -15.46 -32.18 7.40
CA ARG A 134 -16.91 -32.13 7.25
C ARG A 134 -17.39 -32.68 5.92
N VAL A 135 -18.67 -33.03 5.88
CA VAL A 135 -19.33 -33.54 4.69
C VAL A 135 -20.82 -33.14 4.73
N ALA A 136 -21.37 -32.79 3.56
CA ALA A 136 -22.83 -32.54 3.42
C ALA A 136 -23.36 -32.80 1.99
N ALA A 137 -24.61 -33.22 1.86
CA ALA A 137 -25.20 -33.44 0.54
C ALA A 137 -26.46 -32.61 0.37
N LEU A 138 -26.72 -32.17 -0.87
CA LEU A 138 -27.96 -31.49 -1.19
C LEU A 138 -28.67 -32.11 -2.38
N GLU A 139 -30.00 -32.32 -2.26
CA GLU A 139 -30.81 -32.77 -3.40
C GLU A 139 -31.73 -31.66 -3.84
N GLY A 140 -32.05 -31.68 -5.14
CA GLY A 140 -33.01 -30.74 -5.71
C GLY A 140 -33.39 -31.16 -7.11
N ASP A 141 -34.05 -30.26 -7.83
CA ASP A 141 -34.44 -30.51 -9.20
C ASP A 141 -33.19 -30.74 -10.09
N VAL A 142 -32.50 -29.66 -10.46
CA VAL A 142 -31.24 -29.76 -11.18
C VAL A 142 -30.11 -29.18 -10.34
N LEU A 143 -29.04 -29.94 -10.16
CA LEU A 143 -27.88 -29.48 -9.36
C LEU A 143 -26.48 -29.70 -9.97
N GLY A 144 -25.77 -28.58 -10.16
CA GLY A 144 -24.43 -28.54 -10.71
C GLY A 144 -23.38 -28.11 -9.69
N SER A 145 -22.11 -28.28 -10.04
CA SER A 145 -21.02 -28.07 -9.10
C SER A 145 -19.73 -27.67 -9.80
N TYR A 146 -19.29 -26.44 -9.53
CA TYR A 146 -18.04 -25.92 -10.04
C TYR A 146 -16.99 -25.93 -8.95
N GLN A 147 -15.79 -26.39 -9.28
CA GLN A 147 -14.74 -26.42 -8.27
C GLN A 147 -13.52 -25.61 -8.63
N HIS A 148 -13.12 -24.75 -7.71
CA HIS A 148 -11.99 -23.87 -7.92
C HIS A 148 -10.75 -24.62 -7.60
N GLY A 149 -10.05 -25.11 -8.60
CA GLY A 149 -8.83 -25.82 -8.29
C GLY A 149 -9.17 -26.80 -7.19
N ALA A 150 -8.53 -26.71 -6.04
CA ALA A 150 -8.84 -27.61 -4.94
C ALA A 150 -9.21 -26.88 -3.67
N ARG A 151 -9.14 -25.55 -3.71
CA ARG A 151 -9.32 -24.74 -2.50
C ARG A 151 -10.76 -24.49 -2.14
N ILE A 152 -11.63 -24.42 -3.14
CA ILE A 152 -13.05 -24.17 -2.89
C ILE A 152 -13.94 -25.01 -3.80
N GLY A 153 -14.91 -25.69 -3.19
CA GLY A 153 -15.96 -26.39 -3.94
C GLY A 153 -17.36 -25.94 -3.53
N VAL A 154 -18.28 -25.92 -4.48
CA VAL A 154 -19.65 -25.46 -4.23
C VAL A 154 -20.71 -26.35 -4.88
N LEU A 155 -21.84 -26.52 -4.21
CA LEU A 155 -22.94 -27.33 -4.71
C LEU A 155 -24.19 -26.50 -4.70
N VAL A 156 -24.86 -26.39 -5.85
CA VAL A 156 -26.08 -25.59 -5.94
C VAL A 156 -27.17 -26.30 -6.73
N ALA A 157 -28.39 -26.30 -6.21
CA ALA A 157 -29.50 -26.98 -6.85
C ALA A 157 -30.56 -26.01 -7.34
N ALA A 158 -30.76 -25.99 -8.65
CA ALA A 158 -31.64 -25.02 -9.29
C ALA A 158 -32.93 -25.68 -9.79
N LYS A 159 -33.64 -25.00 -10.70
CA LYS A 159 -34.88 -25.50 -11.29
C LYS A 159 -35.25 -24.72 -12.56
N GLY A 160 -34.68 -25.11 -13.69
CA GLY A 160 -34.94 -24.42 -14.95
C GLY A 160 -33.63 -24.01 -15.57
N ALA A 161 -32.57 -24.61 -15.04
CA ALA A 161 -31.20 -24.25 -15.37
C ALA A 161 -30.33 -25.48 -15.68
N ASP A 162 -29.15 -25.24 -16.27
CA ASP A 162 -28.21 -26.29 -16.64
C ASP A 162 -26.74 -25.85 -16.47
N GLU A 163 -25.81 -26.47 -17.20
CA GLU A 163 -24.38 -26.08 -17.14
C GLU A 163 -24.20 -24.62 -17.60
N GLU A 164 -25.16 -24.14 -18.40
CA GLU A 164 -25.16 -22.75 -18.81
C GLU A 164 -25.53 -21.82 -17.66
N LEU A 165 -26.11 -22.38 -16.61
CA LEU A 165 -26.54 -21.57 -15.50
C LEU A 165 -25.98 -22.02 -14.16
N VAL A 166 -26.27 -23.26 -13.80
CA VAL A 166 -25.97 -23.75 -12.45
C VAL A 166 -24.47 -23.72 -12.17
N LYS A 167 -23.68 -23.89 -13.22
CA LYS A 167 -22.25 -23.78 -13.09
C LYS A 167 -21.94 -22.32 -12.83
N HIS A 168 -22.53 -21.43 -13.61
CA HIS A 168 -22.25 -20.00 -13.50
C HIS A 168 -22.53 -19.36 -12.16
N ILE A 169 -23.64 -19.76 -11.55
CA ILE A 169 -23.97 -19.25 -10.21
C ILE A 169 -23.21 -20.01 -9.12
N ALA A 170 -22.76 -21.23 -9.43
CA ALA A 170 -21.84 -21.94 -8.55
C ALA A 170 -20.52 -21.19 -8.54
N MET A 171 -20.17 -20.62 -9.69
CA MET A 171 -19.01 -19.75 -9.80
C MET A 171 -19.21 -18.48 -9.00
N HIS A 172 -20.47 -18.09 -8.82
CA HIS A 172 -20.82 -16.94 -7.99
C HIS A 172 -20.83 -17.28 -6.54
N VAL A 173 -21.28 -18.48 -6.20
CA VAL A 173 -21.24 -18.94 -4.81
C VAL A 173 -19.78 -19.11 -4.35
N ALA A 174 -18.94 -19.57 -5.28
CA ALA A 174 -17.52 -19.75 -5.01
C ALA A 174 -16.80 -18.42 -4.95
N ALA A 175 -17.33 -17.42 -5.63
CA ALA A 175 -16.72 -16.10 -5.65
C ALA A 175 -17.27 -15.14 -4.59
N SER A 176 -18.57 -14.90 -4.60
CA SER A 176 -19.16 -13.92 -3.71
C SER A 176 -19.48 -14.45 -2.31
N LYS A 177 -19.26 -15.75 -2.10
CA LYS A 177 -19.50 -16.44 -0.81
C LYS A 177 -20.73 -15.97 -0.02
N PRO A 178 -21.96 -16.29 -0.53
CA PRO A 178 -23.18 -16.00 0.24
C PRO A 178 -23.44 -17.05 1.35
N GLU A 179 -24.21 -16.67 2.36
CA GLU A 179 -24.51 -17.58 3.47
C GLU A 179 -25.98 -18.00 3.49
N PHE A 180 -26.83 -17.23 2.81
CA PHE A 180 -28.22 -17.60 2.64
C PHE A 180 -28.59 -17.50 1.17
N ILE A 181 -29.84 -17.79 0.87
CA ILE A 181 -30.33 -17.71 -0.49
C ILE A 181 -31.14 -16.41 -0.72
N LYS A 182 -31.98 -16.03 0.24
CA LYS A 182 -32.88 -14.85 0.08
C LYS A 182 -32.84 -13.96 1.31
N PRO A 183 -33.21 -12.65 1.18
CA PRO A 183 -33.28 -11.75 2.36
C PRO A 183 -34.31 -12.22 3.40
N GLU A 184 -35.13 -13.21 3.02
CA GLU A 184 -36.18 -13.79 3.85
C GLU A 184 -35.65 -14.83 4.82
N ASP A 185 -34.48 -15.39 4.50
CA ASP A 185 -33.86 -16.47 5.29
C ASP A 185 -33.17 -15.92 6.54
N VAL A 186 -33.95 -15.34 7.43
CA VAL A 186 -33.41 -14.69 8.62
C VAL A 186 -34.14 -15.12 9.89
N SER A 187 -33.35 -15.44 10.91
CA SER A 187 -33.87 -15.62 12.26
C SER A 187 -34.04 -14.25 12.86
N ALA A 188 -35.28 -13.92 13.23
CA ALA A 188 -35.66 -12.64 13.86
C ALA A 188 -34.77 -12.26 15.04
N GLU A 189 -34.20 -13.27 15.70
CA GLU A 189 -33.26 -13.06 16.79
C GLU A 189 -31.91 -12.47 16.34
N VAL A 190 -31.36 -12.99 15.23
CA VAL A 190 -30.06 -12.50 14.71
C VAL A 190 -30.24 -11.12 14.07
N VAL A 191 -31.49 -10.80 13.73
CA VAL A 191 -31.86 -9.51 13.13
C VAL A 191 -32.13 -8.48 14.22
N GLU A 192 -32.96 -8.85 15.20
CA GLU A 192 -33.25 -7.94 16.31
C GLU A 192 -32.09 -7.80 17.27
N LYS A 193 -31.01 -8.51 16.95
CA LYS A 193 -29.69 -8.28 17.56
C LYS A 193 -29.16 -6.90 17.14
N GLU A 194 -28.88 -6.73 15.85
CA GLU A 194 -28.38 -5.44 15.34
C GLU A 194 -29.50 -4.40 15.26
N TYR A 195 -30.75 -4.84 15.30
CA TYR A 195 -31.88 -3.90 15.36
C TYR A 195 -31.94 -3.22 16.73
N GLN A 196 -31.35 -3.89 17.73
CA GLN A 196 -31.25 -3.34 19.07
C GLN A 196 -29.87 -2.82 19.39
N VAL A 197 -28.84 -3.37 18.74
CA VAL A 197 -27.44 -2.97 18.98
C VAL A 197 -27.05 -1.66 18.26
N GLN A 198 -27.77 -1.34 17.18
CA GLN A 198 -27.46 -0.15 16.38
C GLN A 198 -28.43 0.95 16.73
N LEU A 199 -29.51 0.58 17.40
CA LEU A 199 -30.48 1.52 17.92
C LEU A 199 -29.82 2.46 18.94
N ASP A 200 -28.96 1.90 19.78
CA ASP A 200 -28.15 2.63 20.77
C ASP A 200 -27.17 3.56 20.09
N ILE A 201 -26.48 3.02 19.09
CA ILE A 201 -25.53 3.77 18.27
C ILE A 201 -26.20 5.04 17.76
N ALA A 202 -27.42 4.87 17.25
CA ALA A 202 -28.10 5.95 16.59
C ALA A 202 -28.81 6.84 17.59
N MET A 203 -29.51 6.24 18.54
CA MET A 203 -30.29 7.04 19.49
C MET A 203 -29.43 7.86 20.45
N GLN A 204 -28.23 7.35 20.76
CA GLN A 204 -27.26 8.06 21.58
C GLN A 204 -26.87 9.37 20.93
N SER A 205 -26.80 9.39 19.60
CA SER A 205 -26.45 10.59 18.84
C SER A 205 -27.56 11.65 18.88
N GLY A 206 -28.79 11.22 19.14
CA GLY A 206 -29.92 12.13 19.30
C GLY A 206 -30.78 12.22 18.06
N LYS A 207 -31.05 11.08 17.47
CA LYS A 207 -31.87 10.99 16.28
C LYS A 207 -33.29 10.55 16.64
N PRO A 208 -34.33 11.32 16.26
CA PRO A 208 -35.74 10.91 16.50
C PRO A 208 -36.04 9.48 16.02
N LYS A 209 -37.15 8.90 16.52
CA LYS A 209 -37.50 7.49 16.30
C LYS A 209 -37.30 7.08 14.85
N GLU A 210 -38.18 7.60 14.00
CA GLU A 210 -38.23 7.32 12.57
C GLU A 210 -37.04 7.91 11.79
N ILE A 211 -36.00 8.35 12.50
CA ILE A 211 -34.71 8.65 11.86
C ILE A 211 -33.76 7.47 12.11
N ALA A 212 -33.50 7.24 13.39
CA ALA A 212 -32.68 6.15 13.81
C ALA A 212 -33.27 4.84 13.32
N GLU A 213 -34.60 4.72 13.39
CA GLU A 213 -35.28 3.48 12.99
C GLU A 213 -35.13 3.27 11.51
N LYS A 214 -35.34 4.37 10.77
CA LYS A 214 -35.33 4.32 9.32
C LYS A 214 -33.92 4.07 8.85
N MET A 215 -32.96 4.72 9.50
CA MET A 215 -31.57 4.55 9.12
C MET A 215 -31.10 3.14 9.36
N VAL A 216 -31.43 2.59 10.52
CA VAL A 216 -30.97 1.27 10.92
C VAL A 216 -31.65 0.22 10.08
N GLU A 217 -32.94 0.40 9.87
CA GLU A 217 -33.68 -0.53 9.07
C GLU A 217 -33.10 -0.55 7.67
N GLY A 218 -32.81 0.65 7.15
CA GLY A 218 -32.21 0.80 5.83
C GLY A 218 -30.83 0.17 5.73
N ARG A 219 -30.05 0.33 6.78
CA ARG A 219 -28.71 -0.24 6.83
C ARG A 219 -28.78 -1.75 6.92
N MET A 220 -29.69 -2.26 7.74
CA MET A 220 -29.84 -3.70 7.88
C MET A 220 -30.53 -4.28 6.66
N LYS A 221 -31.34 -3.48 6.00
CA LYS A 221 -31.91 -3.88 4.74
C LYS A 221 -30.77 -4.10 3.75
N LYS A 222 -29.73 -3.26 3.80
CA LYS A 222 -28.51 -3.51 3.01
C LYS A 222 -27.70 -4.68 3.58
N PHE A 223 -27.58 -4.72 4.91
CA PHE A 223 -26.80 -5.75 5.61
C PHE A 223 -27.32 -7.14 5.28
N THR A 224 -28.64 -7.28 5.27
CA THR A 224 -29.29 -8.51 4.85
C THR A 224 -29.12 -8.66 3.35
N GLY A 225 -29.16 -7.55 2.62
CA GLY A 225 -29.06 -7.58 1.16
C GLY A 225 -27.71 -8.08 0.71
N GLU A 226 -26.67 -7.79 1.49
CA GLU A 226 -25.30 -8.21 1.18
C GLU A 226 -25.18 -9.73 1.06
N VAL A 227 -25.48 -10.42 2.16
CA VAL A 227 -25.39 -11.88 2.24
C VAL A 227 -26.45 -12.55 1.37
N SER A 228 -27.51 -11.81 1.07
CA SER A 228 -28.57 -12.29 0.19
C SER A 228 -27.98 -12.66 -1.17
N LEU A 229 -28.03 -13.94 -1.50
CA LEU A 229 -27.65 -14.42 -2.81
C LEU A 229 -28.51 -13.76 -3.87
N THR A 230 -29.72 -13.39 -3.48
CA THR A 230 -30.66 -12.63 -4.32
C THR A 230 -30.04 -11.32 -4.76
N GLY A 231 -29.98 -10.36 -3.83
CA GLY A 231 -29.47 -9.02 -4.10
C GLY A 231 -27.97 -9.04 -3.96
N GLN A 232 -27.31 -9.54 -4.99
CA GLN A 232 -25.85 -9.67 -4.99
C GLN A 232 -25.40 -9.69 -6.43
N PRO A 233 -24.75 -8.61 -6.89
CA PRO A 233 -24.43 -8.40 -8.31
C PRO A 233 -23.75 -9.63 -8.92
N PHE A 234 -24.51 -10.35 -9.74
CA PHE A 234 -24.04 -11.58 -10.34
C PHE A 234 -22.64 -11.44 -10.93
N VAL A 235 -21.70 -12.21 -10.40
CA VAL A 235 -20.29 -12.11 -10.73
C VAL A 235 -19.94 -12.01 -12.24
N MET A 236 -20.59 -12.85 -13.04
CA MET A 236 -20.40 -12.86 -14.49
C MET A 236 -20.94 -11.63 -15.19
N GLU A 237 -22.04 -11.09 -14.70
CA GLU A 237 -22.54 -9.85 -15.24
C GLU A 237 -23.20 -9.13 -14.12
N PRO A 238 -22.42 -8.37 -13.40
CA PRO A 238 -22.68 -7.83 -12.06
C PRO A 238 -23.56 -6.62 -12.13
N SER A 239 -23.97 -6.28 -13.34
CA SER A 239 -24.89 -5.21 -13.51
C SER A 239 -26.12 -5.56 -12.72
N LYS A 240 -26.44 -6.85 -12.73
CA LYS A 240 -27.71 -7.32 -12.24
C LYS A 240 -27.54 -8.34 -11.12
N THR A 241 -28.46 -8.34 -10.18
CA THR A 241 -28.37 -9.28 -9.07
C THR A 241 -28.70 -10.70 -9.51
N VAL A 242 -28.21 -11.65 -8.75
CA VAL A 242 -28.40 -13.06 -9.07
C VAL A 242 -29.89 -13.41 -8.98
N GLY A 243 -30.55 -12.92 -7.93
CA GLY A 243 -31.99 -13.10 -7.75
C GLY A 243 -32.75 -12.50 -8.93
N GLN A 244 -32.18 -11.41 -9.46
CA GLN A 244 -32.69 -10.75 -10.66
C GLN A 244 -32.43 -11.64 -11.87
N LEU A 245 -31.39 -12.45 -11.83
CA LEU A 245 -31.06 -13.31 -12.94
C LEU A 245 -32.05 -14.47 -13.08
N LEU A 246 -32.46 -15.05 -11.95
CA LEU A 246 -33.41 -16.16 -11.96
C LEU A 246 -34.78 -15.74 -12.48
N LYS A 247 -35.28 -14.62 -11.97
CA LYS A 247 -36.56 -14.06 -12.38
C LYS A 247 -36.53 -13.73 -13.87
N GLU A 248 -35.50 -13.06 -14.32
CA GLU A 248 -35.31 -12.84 -15.74
C GLU A 248 -35.16 -14.21 -16.40
N HIS A 249 -34.38 -15.08 -15.78
CA HIS A 249 -34.37 -16.43 -16.26
C HIS A 249 -35.54 -17.07 -15.65
N ASN A 250 -35.96 -18.16 -16.25
CA ASN A 250 -37.09 -18.91 -15.75
C ASN A 250 -36.84 -19.37 -14.35
N ALA A 251 -35.58 -19.67 -14.06
CA ALA A 251 -35.18 -20.58 -13.00
C ALA A 251 -35.49 -20.14 -11.58
N GLU A 252 -35.29 -21.08 -10.66
CA GLU A 252 -35.39 -20.82 -9.22
C GLU A 252 -34.56 -21.81 -8.41
N VAL A 253 -33.44 -21.36 -7.83
CA VAL A 253 -32.59 -22.28 -7.05
C VAL A 253 -33.24 -22.67 -5.75
N THR A 254 -32.89 -23.86 -5.28
CA THR A 254 -33.44 -24.38 -4.03
C THR A 254 -32.51 -23.99 -2.89
N GLY A 255 -31.26 -24.44 -3.00
CA GLY A 255 -30.27 -24.20 -1.98
C GLY A 255 -28.88 -24.37 -2.55
N PHE A 256 -27.89 -24.49 -1.66
CA PHE A 256 -26.47 -24.41 -1.99
C PHE A 256 -25.55 -24.82 -0.83
N ILE A 257 -24.49 -25.55 -1.15
CA ILE A 257 -23.44 -25.86 -0.19
C ILE A 257 -22.10 -25.28 -0.69
N ARG A 258 -21.29 -24.71 0.22
CA ARG A 258 -19.96 -24.20 -0.13
C ARG A 258 -18.91 -24.45 0.94
N PHE A 259 -17.78 -25.00 0.51
CA PHE A 259 -16.67 -25.31 1.40
C PHE A 259 -15.39 -24.64 0.96
N GLU A 260 -14.68 -24.07 1.92
CA GLU A 260 -13.36 -23.53 1.67
C GLU A 260 -12.48 -24.26 2.67
N VAL A 261 -11.32 -24.71 2.23
CA VAL A 261 -10.48 -25.52 3.09
C VAL A 261 -10.05 -24.68 4.27
N GLY A 262 -9.82 -25.33 5.40
CA GLY A 262 -9.28 -24.66 6.56
C GLY A 262 -10.12 -23.46 6.98
N GLU A 263 -11.44 -23.63 6.93
CA GLU A 263 -12.34 -22.57 7.29
C GLU A 263 -12.77 -22.74 8.74
N GLY A 264 -12.51 -21.70 9.54
CA GLY A 264 -12.82 -21.74 10.96
C GLY A 264 -11.76 -22.47 11.75
N ILE A 265 -10.73 -22.94 11.05
CA ILE A 265 -9.63 -23.65 11.70
C ILE A 265 -8.87 -22.74 12.66
N GLU A 266 -8.70 -21.48 12.26
CA GLU A 266 -8.00 -20.51 13.10
C GLU A 266 -6.55 -20.94 13.38
N LYS A 267 -6.19 -20.94 14.66
CA LYS A 267 -4.82 -21.26 15.06
C LYS A 267 -3.96 -20.00 15.05
N VAL A 268 -2.66 -20.18 15.31
CA VAL A 268 -1.73 -19.06 15.36
C VAL A 268 -0.66 -19.14 14.28
N GLU A 269 -0.48 -18.03 13.56
CA GLU A 269 0.51 -17.95 12.50
C GLU A 269 1.92 -18.07 13.08
N THR A 270 2.80 -18.74 12.35
CA THR A 270 4.18 -18.92 12.78
C THR A 270 5.16 -18.28 11.80
N ASP A 271 6.12 -17.53 12.34
CA ASP A 271 7.13 -16.89 11.53
C ASP A 271 8.46 -17.61 11.73
N PHE A 272 9.04 -18.08 10.62
CA PHE A 272 10.28 -18.85 10.67
C PHE A 272 11.48 -18.07 11.21
N ALA A 273 11.64 -16.84 10.76
CA ALA A 273 12.82 -16.05 11.11
C ALA A 273 12.90 -15.75 12.61
N ALA A 274 11.76 -15.37 13.21
CA ALA A 274 11.72 -15.06 14.63
C ALA A 274 12.03 -16.28 15.48
N GLU A 275 11.47 -17.42 15.08
CA GLU A 275 11.58 -18.65 15.85
C GLU A 275 13.01 -19.15 15.99
N VAL A 276 13.77 -19.09 14.90
CA VAL A 276 15.09 -19.70 14.88
C VAL A 276 15.99 -18.94 15.84
N ALA A 277 15.58 -17.71 16.15
CA ALA A 277 16.27 -16.86 17.10
C ALA A 277 16.19 -17.44 18.51
N ALA A 278 15.18 -18.29 18.72
CA ALA A 278 14.96 -18.95 20.00
C ALA A 278 15.57 -20.35 19.98
N MET A 279 15.54 -20.99 18.81
CA MET A 279 16.20 -22.28 18.62
C MET A 279 17.72 -22.17 18.83
N SER A 280 18.25 -21.00 18.49
CA SER A 280 19.67 -20.67 18.65
C SER A 280 20.02 -20.24 20.09
N LYS A 281 19.08 -19.55 20.74
CA LYS A 281 19.35 -18.88 22.03
C LYS A 281 19.70 -19.87 23.13
N GLN A 282 18.99 -20.99 23.21
CA GLN A 282 19.25 -21.98 24.27
C GLN A 282 20.64 -22.62 24.11
N SER A 283 21.16 -22.58 22.88
CA SER A 283 22.43 -23.19 22.56
C SER A 283 23.56 -22.20 22.64
N HIS A 284 23.22 -20.90 22.65
CA HIS A 284 24.20 -19.82 22.80
C HIS A 284 24.91 -19.89 24.13
N MET A 285 24.12 -20.06 25.19
CA MET A 285 24.61 -20.12 26.55
C MET A 285 24.95 -21.56 26.91
N SER A 286 25.97 -22.12 26.24
CA SER A 286 26.51 -23.45 26.58
C SER A 286 27.92 -23.60 26.04
N PHE A 290 35.34 -3.65 5.34
CA PHE A 290 36.37 -4.45 4.62
C PHE A 290 35.73 -5.06 3.37
N GLU A 291 35.50 -6.38 3.42
CA GLU A 291 34.98 -7.10 2.26
C GLU A 291 33.44 -7.14 2.23
N ARG A 292 32.85 -6.13 1.61
CA ARG A 292 31.38 -6.05 1.44
C ARG A 292 30.95 -6.29 -0.01
N THR A 293 31.87 -6.83 -0.79
CA THR A 293 31.66 -7.12 -2.20
C THR A 293 31.33 -8.59 -2.46
N LYS A 294 31.33 -9.40 -1.39
CA LYS A 294 31.04 -10.83 -1.49
C LYS A 294 29.60 -11.03 -1.96
N PRO A 295 29.41 -11.98 -2.91
CA PRO A 295 28.14 -12.15 -3.63
C PRO A 295 26.95 -12.48 -2.71
N HIS A 296 25.72 -12.25 -3.19
CA HIS A 296 24.50 -12.64 -2.46
C HIS A 296 23.83 -13.84 -3.12
N VAL A 297 23.52 -14.86 -2.33
CA VAL A 297 22.84 -16.05 -2.85
C VAL A 297 21.56 -16.35 -2.05
N ASN A 298 20.42 -16.45 -2.74
CA ASN A 298 19.17 -16.79 -2.09
C ASN A 298 18.96 -18.28 -2.00
N VAL A 299 19.19 -18.82 -0.81
CA VAL A 299 18.90 -20.22 -0.56
C VAL A 299 17.59 -20.40 0.20
N GLY A 300 16.98 -21.56 0.03
CA GLY A 300 15.77 -21.91 0.73
C GLY A 300 15.81 -23.31 1.31
N THR A 301 15.09 -23.51 2.41
CA THR A 301 15.02 -24.80 3.05
C THR A 301 13.68 -25.48 2.78
N ILE A 302 13.72 -26.67 2.16
CA ILE A 302 12.50 -27.38 1.78
C ILE A 302 12.51 -28.85 2.21
N GLY A 303 11.44 -29.28 2.86
CA GLY A 303 11.32 -30.65 3.39
C GLY A 303 10.14 -30.85 4.35
N HIS A 304 10.05 -32.03 4.96
CA HIS A 304 8.93 -32.38 5.87
C HIS A 304 8.92 -31.50 7.11
N VAL A 305 7.72 -31.26 7.66
CA VAL A 305 7.57 -30.37 8.81
C VAL A 305 8.21 -30.94 10.07
N ASP A 306 8.14 -32.26 10.21
CA ASP A 306 8.68 -32.96 11.36
C ASP A 306 10.12 -33.47 11.13
N HIS A 307 10.70 -33.10 9.99
CA HIS A 307 12.09 -33.43 9.73
C HIS A 307 13.00 -32.33 10.13
N GLY A 308 12.45 -31.33 10.81
CA GLY A 308 13.21 -30.25 11.43
C GLY A 308 14.13 -29.38 10.57
N LYS A 309 13.58 -28.76 9.53
CA LYS A 309 14.40 -27.85 8.74
C LYS A 309 14.86 -26.76 9.67
N THR A 310 14.00 -26.47 10.64
CA THR A 310 14.15 -25.34 11.52
C THR A 310 15.29 -25.61 12.49
N THR A 311 15.60 -26.89 12.67
CA THR A 311 16.73 -27.34 13.49
C THR A 311 18.03 -27.23 12.69
N LEU A 312 17.97 -27.49 11.38
CA LEU A 312 19.13 -27.39 10.49
C LEU A 312 19.56 -25.96 10.31
N THR A 313 18.61 -25.08 9.96
CA THR A 313 18.87 -23.67 9.76
C THR A 313 19.45 -22.98 11.00
N ALA A 314 19.16 -23.52 12.17
CA ALA A 314 19.74 -23.02 13.39
C ALA A 314 21.21 -23.43 13.50
N ALA A 315 21.51 -24.62 12.98
CA ALA A 315 22.88 -25.15 13.00
C ALA A 315 23.71 -24.41 11.98
N ILE A 316 23.11 -24.14 10.84
CA ILE A 316 23.77 -23.38 9.81
C ILE A 316 23.86 -21.90 10.21
N THR A 317 23.30 -21.57 11.38
CA THR A 317 23.44 -20.23 11.93
C THR A 317 24.51 -20.21 13.02
N THR A 318 24.34 -21.06 14.04
CA THR A 318 25.23 -21.05 15.21
C THR A 318 26.60 -21.66 14.92
N VAL A 319 26.65 -22.76 14.17
CA VAL A 319 27.93 -23.39 13.81
C VAL A 319 28.70 -22.51 12.82
N LEU A 320 27.95 -21.78 12.00
CA LEU A 320 28.54 -20.79 11.13
C LEU A 320 28.93 -19.53 11.91
N ALA A 321 28.43 -19.42 13.13
CA ALA A 321 28.86 -18.38 14.03
C ALA A 321 30.04 -18.90 14.85
N LYS A 322 30.14 -20.21 14.97
CA LYS A 322 31.26 -20.86 15.67
C LYS A 322 32.56 -20.77 14.88
N THR A 323 32.46 -20.66 13.55
CA THR A 323 33.65 -20.45 12.72
C THR A 323 33.74 -19.01 12.22
N TYR A 324 33.29 -18.78 10.98
CA TYR A 324 33.50 -17.52 10.26
C TYR A 324 32.82 -16.31 10.90
N GLY A 325 31.56 -16.46 11.28
CA GLY A 325 30.83 -15.39 11.97
C GLY A 325 29.39 -15.26 11.49
N GLY A 326 28.45 -15.29 12.43
CA GLY A 326 27.02 -15.24 12.13
C GLY A 326 26.39 -13.87 12.21
N ASN A 348 13.23 -9.82 2.61
CA ASN A 348 12.02 -10.47 3.15
C ASN A 348 12.25 -10.98 4.57
N THR A 349 11.28 -10.70 5.45
CA THR A 349 11.31 -11.16 6.83
C THR A 349 11.12 -12.64 6.79
N SER A 350 11.41 -13.30 7.91
CA SER A 350 11.22 -14.73 7.92
C SER A 350 12.37 -15.40 7.20
N HIS A 351 13.49 -14.72 7.15
CA HIS A 351 14.67 -15.32 6.58
C HIS A 351 15.81 -14.91 7.43
N VAL A 352 16.81 -15.76 7.51
CA VAL A 352 18.01 -15.49 8.28
C VAL A 352 19.05 -14.91 7.36
N GLU A 353 20.17 -14.46 7.90
CA GLU A 353 21.19 -13.86 7.07
C GLU A 353 22.57 -14.34 7.47
N TYR A 354 22.80 -15.64 7.39
CA TYR A 354 24.08 -16.19 7.81
C TYR A 354 25.19 -15.98 6.79
N ASP A 355 26.43 -15.89 7.27
CA ASP A 355 27.57 -15.64 6.39
C ASP A 355 28.52 -16.83 6.24
N THR A 356 29.58 -16.61 5.46
CA THR A 356 30.52 -17.66 5.09
C THR A 356 31.81 -16.94 4.59
N PRO A 357 32.98 -17.65 4.52
CA PRO A 357 34.23 -16.93 4.25
C PRO A 357 34.24 -16.19 2.92
N THR A 358 33.49 -16.73 1.96
CA THR A 358 33.56 -16.29 0.58
C THR A 358 32.27 -15.58 0.12
N ARG A 359 31.13 -15.88 0.77
CA ARG A 359 29.81 -15.40 0.31
C ARG A 359 28.90 -14.92 1.42
N HIS A 360 27.83 -14.23 1.02
CA HIS A 360 26.81 -13.74 1.93
C HIS A 360 25.49 -14.30 1.51
N TYR A 361 24.89 -15.13 2.37
CA TYR A 361 23.66 -15.83 1.99
C TYR A 361 22.37 -15.16 2.46
N ALA A 362 21.25 -15.70 2.00
CA ALA A 362 19.94 -15.32 2.45
C ALA A 362 19.09 -16.58 2.43
N HIS A 363 18.60 -16.96 3.60
CA HIS A 363 17.99 -18.26 3.78
C HIS A 363 16.55 -18.18 4.17
N VAL A 364 15.67 -18.55 3.25
CA VAL A 364 14.23 -18.55 3.53
C VAL A 364 13.69 -19.94 3.81
N ASP A 365 12.51 -20.02 4.42
CA ASP A 365 11.79 -21.29 4.59
C ASP A 365 10.59 -21.28 3.70
N CYS A 366 10.46 -22.36 2.93
CA CYS A 366 9.40 -22.50 1.94
C CYS A 366 8.52 -23.72 2.26
N PRO A 367 7.51 -23.51 3.12
CA PRO A 367 6.63 -24.58 3.56
C PRO A 367 5.40 -24.71 2.68
N GLY A 368 4.88 -23.59 2.19
CA GLY A 368 3.70 -23.60 1.33
C GLY A 368 4.03 -23.55 -0.14
N HIS A 369 3.49 -24.52 -0.89
CA HIS A 369 3.66 -24.51 -2.35
C HIS A 369 3.08 -23.26 -2.96
N ALA A 370 1.84 -22.97 -2.57
CA ALA A 370 1.13 -21.84 -3.10
C ALA A 370 1.67 -20.58 -2.47
N ASP A 371 2.11 -20.64 -1.21
CA ASP A 371 2.70 -19.45 -0.61
C ASP A 371 4.21 -19.39 -0.83
N TYR A 372 4.67 -20.02 -1.90
CA TYR A 372 6.01 -19.76 -2.39
C TYR A 372 5.94 -19.18 -3.79
N VAL A 373 4.91 -19.55 -4.53
CA VAL A 373 4.68 -18.95 -5.83
C VAL A 373 4.32 -17.48 -5.62
N LYS A 374 3.74 -17.16 -4.47
CA LYS A 374 3.54 -15.77 -4.06
C LYS A 374 4.85 -15.21 -3.45
N ASN A 375 5.97 -15.71 -3.91
CA ASN A 375 7.27 -15.22 -3.49
C ASN A 375 8.22 -15.20 -4.67
N MET A 376 8.14 -16.21 -5.53
CA MET A 376 8.92 -16.22 -6.76
C MET A 376 8.30 -15.18 -7.69
N ILE A 377 6.98 -15.21 -7.86
CA ILE A 377 6.25 -14.28 -8.73
C ILE A 377 6.33 -12.83 -8.24
N THR A 378 5.93 -12.60 -7.00
CA THR A 378 5.91 -11.27 -6.48
C THR A 378 7.32 -10.79 -6.20
N GLY A 379 8.27 -11.72 -6.28
CA GLY A 379 9.69 -11.40 -6.12
C GLY A 379 10.14 -11.10 -4.70
N ALA A 380 9.24 -11.27 -3.74
CA ALA A 380 9.55 -11.03 -2.33
C ALA A 380 10.67 -11.94 -1.82
N ALA A 381 10.84 -13.10 -2.48
CA ALA A 381 11.90 -14.08 -2.17
C ALA A 381 12.15 -15.03 -3.35
N GLN A 382 12.94 -14.59 -4.32
CA GLN A 382 13.33 -15.44 -5.45
C GLN A 382 14.26 -16.57 -4.99
N MET A 383 14.69 -17.43 -5.91
CA MET A 383 15.53 -18.58 -5.49
C MET A 383 16.82 -18.70 -6.28
N ASP A 384 17.91 -18.94 -5.56
CA ASP A 384 19.18 -19.19 -6.21
C ASP A 384 19.65 -20.61 -5.93
N GLY A 385 18.86 -21.38 -5.19
CA GLY A 385 19.20 -22.77 -4.95
C GLY A 385 18.76 -23.24 -3.59
N ALA A 386 17.91 -24.26 -3.58
CA ALA A 386 17.21 -24.66 -2.37
C ALA A 386 17.83 -25.86 -1.73
N ILE A 387 17.64 -25.99 -0.42
CA ILE A 387 18.29 -27.05 0.31
C ILE A 387 17.26 -28.06 0.76
N LEU A 388 17.59 -29.33 0.55
CA LEU A 388 16.62 -30.41 0.69
C LEU A 388 16.83 -31.21 1.98
N VAL A 389 16.11 -30.79 3.00
CA VAL A 389 16.20 -31.36 4.33
C VAL A 389 15.30 -32.58 4.37
N VAL A 390 15.91 -33.71 4.71
CA VAL A 390 15.17 -34.95 4.91
C VAL A 390 15.74 -35.78 6.07
N ALA A 391 14.91 -36.07 7.07
CA ALA A 391 15.31 -36.91 8.20
C ALA A 391 15.67 -38.32 7.73
N ALA A 392 16.85 -38.78 8.11
CA ALA A 392 17.38 -40.07 7.67
C ALA A 392 16.79 -41.25 8.46
N THR A 393 16.15 -40.93 9.56
CA THR A 393 15.47 -41.90 10.40
C THR A 393 14.27 -42.49 9.68
N ASP A 394 13.60 -41.71 8.83
CA ASP A 394 12.39 -42.16 8.15
C ASP A 394 12.49 -42.05 6.63
N GLY A 395 13.69 -41.70 6.12
CA GLY A 395 13.91 -41.54 4.67
C GLY A 395 13.03 -40.51 3.97
N PRO A 396 12.80 -40.67 2.65
CA PRO A 396 11.92 -39.76 1.94
C PRO A 396 10.44 -40.08 2.15
N MET A 397 9.68 -39.03 2.44
CA MET A 397 8.25 -39.16 2.59
C MET A 397 7.56 -39.13 1.24
N PRO A 398 6.33 -39.68 1.16
CA PRO A 398 5.47 -39.67 -0.04
C PRO A 398 5.24 -38.30 -0.68
N GLN A 399 5.33 -37.24 0.12
CA GLN A 399 5.13 -35.87 -0.35
C GLN A 399 6.46 -35.16 -0.72
N THR A 400 7.56 -35.92 -0.66
CA THR A 400 8.86 -35.40 -1.09
C THR A 400 8.81 -35.13 -2.61
N ARG A 401 8.07 -35.97 -3.33
CA ARG A 401 7.97 -35.83 -4.77
C ARG A 401 7.15 -34.63 -5.15
N GLU A 402 6.67 -33.90 -4.15
CA GLU A 402 5.95 -32.65 -4.40
C GLU A 402 6.81 -31.48 -3.99
N HIS A 403 7.73 -31.74 -3.07
CA HIS A 403 8.76 -30.78 -2.73
C HIS A 403 9.68 -30.61 -3.90
N ILE A 404 10.16 -31.75 -4.40
CA ILE A 404 11.07 -31.79 -5.54
C ILE A 404 10.36 -31.26 -6.78
N LEU A 405 9.06 -31.56 -6.89
CA LEU A 405 8.23 -31.02 -7.94
C LEU A 405 8.20 -29.51 -7.85
N LEU A 406 7.99 -28.95 -6.64
CA LEU A 406 7.93 -27.50 -6.46
C LEU A 406 9.21 -26.86 -6.96
N GLY A 407 10.31 -27.56 -6.83
CA GLY A 407 11.58 -27.11 -7.40
C GLY A 407 11.64 -27.05 -8.92
N ARG A 408 11.31 -28.17 -9.57
CA ARG A 408 11.37 -28.23 -11.02
C ARG A 408 10.12 -27.66 -11.63
N GLN A 409 9.30 -27.00 -10.82
CA GLN A 409 8.11 -26.32 -11.34
C GLN A 409 8.13 -24.85 -11.02
N VAL A 410 9.18 -24.42 -10.34
CA VAL A 410 9.31 -23.02 -10.03
C VAL A 410 10.65 -22.53 -10.57
N GLY A 411 11.41 -23.49 -11.11
CA GLY A 411 12.72 -23.24 -11.69
C GLY A 411 13.81 -22.89 -10.69
N VAL A 412 14.11 -23.83 -9.79
CA VAL A 412 15.28 -23.68 -8.94
C VAL A 412 16.46 -24.29 -9.68
N PRO A 413 17.57 -23.56 -9.74
CA PRO A 413 18.73 -24.11 -10.44
C PRO A 413 19.31 -25.40 -9.79
N TYR A 414 19.77 -25.28 -8.54
CA TYR A 414 20.56 -26.32 -7.87
C TYR A 414 19.99 -26.73 -6.51
N ILE A 415 19.79 -28.02 -6.33
CA ILE A 415 19.24 -28.57 -5.10
C ILE A 415 20.31 -29.33 -4.31
N ILE A 416 20.42 -28.99 -3.03
CA ILE A 416 21.39 -29.62 -2.14
C ILE A 416 20.66 -30.36 -1.04
N VAL A 417 20.97 -31.66 -0.93
CA VAL A 417 20.32 -32.58 -0.02
C VAL A 417 21.13 -32.83 1.25
N PHE A 418 20.43 -33.00 2.36
CA PHE A 418 21.05 -33.16 3.65
C PHE A 418 20.21 -34.10 4.47
N LEU A 419 20.86 -35.16 4.94
CA LEU A 419 20.20 -36.10 5.82
C LEU A 419 20.31 -35.60 7.25
N ASN A 420 19.16 -35.26 7.85
CA ASN A 420 19.09 -34.85 9.24
C ASN A 420 18.86 -36.07 10.09
N LYS A 421 19.30 -36.03 11.34
CA LYS A 421 19.15 -37.17 12.25
C LYS A 421 19.77 -38.44 11.65
N CYS A 422 21.10 -38.51 11.59
CA CYS A 422 21.76 -39.71 11.06
C CYS A 422 22.28 -40.63 12.15
N ASP A 423 22.22 -40.17 13.38
CA ASP A 423 22.59 -40.95 14.54
C ASP A 423 21.53 -42.02 14.83
N MET A 424 20.31 -41.81 14.34
CA MET A 424 19.22 -42.76 14.56
C MET A 424 19.35 -44.00 13.71
N VAL A 425 20.35 -44.02 12.85
CA VAL A 425 20.62 -45.22 12.07
C VAL A 425 21.92 -45.86 12.57
N ASP A 426 21.85 -47.12 12.94
CA ASP A 426 23.02 -47.84 13.43
C ASP A 426 23.67 -48.69 12.33
N ASP A 427 23.35 -48.39 11.08
CA ASP A 427 23.92 -49.10 9.95
C ASP A 427 24.10 -48.20 8.73
N GLU A 428 25.35 -47.98 8.32
CA GLU A 428 25.63 -47.20 7.10
C GLU A 428 25.10 -47.89 5.83
N GLU A 429 25.16 -49.23 5.79
CA GLU A 429 24.62 -50.03 4.67
C GLU A 429 23.11 -49.71 4.49
N LEU A 430 22.48 -49.27 5.58
CA LEU A 430 21.08 -48.82 5.55
C LEU A 430 20.95 -47.36 5.10
N LEU A 431 21.87 -46.51 5.56
CA LEU A 431 21.89 -45.11 5.15
C LEU A 431 22.15 -44.94 3.66
N GLU A 432 23.03 -45.77 3.11
CA GLU A 432 23.39 -45.76 1.68
C GLU A 432 22.17 -46.03 0.82
N LEU A 433 21.22 -46.75 1.39
CA LEU A 433 20.05 -47.18 0.67
C LEU A 433 18.95 -46.13 0.75
N VAL A 434 19.16 -45.12 1.59
CA VAL A 434 18.24 -44.00 1.64
C VAL A 434 18.59 -43.04 0.52
N GLU A 435 19.87 -42.98 0.17
CA GLU A 435 20.30 -42.19 -1.00
C GLU A 435 19.69 -42.67 -2.29
N MET A 436 19.49 -43.98 -2.38
CA MET A 436 18.88 -44.58 -3.56
C MET A 436 17.42 -44.11 -3.66
N GLU A 437 16.88 -43.64 -2.55
CA GLU A 437 15.50 -43.17 -2.48
C GLU A 437 15.38 -41.65 -2.60
N VAL A 438 16.51 -40.98 -2.74
CA VAL A 438 16.48 -39.55 -2.96
C VAL A 438 17.23 -39.21 -4.26
N ARG A 439 18.18 -40.06 -4.63
CA ARG A 439 18.94 -39.84 -5.87
C ARG A 439 18.08 -40.16 -7.07
N GLU A 440 17.15 -41.08 -6.88
CA GLU A 440 16.28 -41.46 -7.95
C GLU A 440 15.00 -40.62 -7.93
N LEU A 441 14.82 -39.90 -6.83
CA LEU A 441 13.64 -39.09 -6.66
C LEU A 441 13.93 -37.75 -7.31
N LEU A 442 15.20 -37.50 -7.57
CA LEU A 442 15.60 -36.28 -8.24
C LEU A 442 15.77 -36.52 -9.73
N SER A 443 16.18 -37.73 -10.08
CA SER A 443 16.33 -38.13 -11.49
C SER A 443 15.00 -38.07 -12.22
N GLN A 444 13.91 -38.33 -11.49
CA GLN A 444 12.59 -38.29 -12.08
C GLN A 444 12.15 -36.89 -12.36
N TYR A 445 12.76 -35.93 -11.66
CA TYR A 445 12.43 -34.54 -11.86
C TYR A 445 13.57 -33.80 -12.53
N ASP A 446 14.33 -34.52 -13.37
CA ASP A 446 15.37 -33.96 -14.24
C ASP A 446 16.43 -33.17 -13.51
N PHE A 447 16.68 -33.58 -12.27
CA PHE A 447 17.74 -33.02 -11.48
C PHE A 447 18.90 -34.00 -11.46
N PRO A 448 20.12 -33.47 -11.27
CA PRO A 448 21.33 -34.30 -11.28
C PRO A 448 21.41 -35.25 -10.07
N GLY A 449 20.50 -36.22 -9.99
CA GLY A 449 20.46 -37.14 -8.86
C GLY A 449 21.75 -37.89 -8.60
N ASP A 450 22.44 -38.29 -9.68
CA ASP A 450 23.71 -39.02 -9.61
C ASP A 450 24.87 -38.15 -9.19
N ASP A 451 24.73 -36.86 -9.45
CA ASP A 451 25.78 -35.90 -9.21
C ASP A 451 25.24 -34.74 -8.36
N THR A 452 24.40 -35.04 -7.39
CA THR A 452 23.95 -34.03 -6.42
C THR A 452 24.58 -34.33 -5.04
N PRO A 453 24.94 -33.27 -4.28
CA PRO A 453 25.62 -33.42 -2.97
C PRO A 453 24.66 -33.79 -1.84
N ILE A 454 25.00 -34.81 -1.05
CA ILE A 454 24.17 -35.29 0.07
C ILE A 454 24.96 -35.42 1.35
N VAL A 455 24.71 -34.51 2.27
CA VAL A 455 25.41 -34.51 3.55
C VAL A 455 24.66 -35.33 4.61
N ARG A 456 25.33 -36.33 5.19
CA ARG A 456 24.79 -37.13 6.28
C ARG A 456 25.27 -36.61 7.62
N GLY A 457 24.37 -35.89 8.29
CA GLY A 457 24.68 -35.30 9.58
C GLY A 457 23.50 -35.19 10.54
N SER A 458 23.71 -34.43 11.61
CA SER A 458 22.69 -34.20 12.61
C SER A 458 22.80 -32.77 13.09
N ALA A 459 21.69 -32.05 12.93
CA ALA A 459 21.57 -30.65 13.31
C ALA A 459 21.49 -30.48 14.82
N LEU A 460 20.70 -31.35 15.46
CA LEU A 460 20.51 -31.32 16.91
C LEU A 460 21.84 -31.50 17.65
N LYS A 461 22.68 -32.37 17.09
CA LYS A 461 24.03 -32.62 17.56
C LYS A 461 24.92 -31.41 17.40
N ALA A 462 24.70 -30.70 16.30
CA ALA A 462 25.44 -29.50 15.97
C ALA A 462 25.02 -28.30 16.84
N LEU A 463 23.80 -28.35 17.39
CA LEU A 463 23.33 -27.28 18.27
C LEU A 463 23.98 -27.35 19.65
N GLU A 464 24.38 -28.57 19.96
CA GLU A 464 25.28 -28.89 21.05
C GLU A 464 26.65 -28.62 20.48
N GLY A 465 27.71 -28.96 21.23
CA GLY A 465 29.07 -28.67 20.81
C GLY A 465 29.81 -29.80 20.09
N ASP A 466 29.10 -30.85 19.69
CA ASP A 466 29.73 -31.99 19.03
C ASP A 466 30.39 -31.63 17.67
N ALA A 467 31.66 -31.24 17.71
CA ALA A 467 32.35 -30.78 16.49
C ALA A 467 32.57 -31.90 15.47
N GLU A 468 32.40 -33.14 15.90
CA GLU A 468 32.41 -34.29 14.98
C GLU A 468 31.21 -34.24 14.07
N TRP A 469 30.10 -33.70 14.59
CA TRP A 469 28.89 -33.50 13.82
C TRP A 469 28.83 -32.11 13.29
N GLU A 470 29.56 -31.18 13.92
CA GLU A 470 29.60 -29.78 13.48
C GLU A 470 30.43 -29.60 12.20
N ALA A 471 31.12 -30.66 11.79
CA ALA A 471 31.81 -30.70 10.50
C ALA A 471 30.83 -30.98 9.36
N LYS A 472 29.70 -31.60 9.69
CA LYS A 472 28.66 -31.93 8.70
C LYS A 472 27.93 -30.69 8.24
N ILE A 473 27.60 -29.80 9.18
CA ILE A 473 27.03 -28.50 8.85
C ILE A 473 28.09 -27.71 8.08
N LEU A 474 29.35 -27.86 8.49
CA LEU A 474 30.47 -27.28 7.78
C LEU A 474 30.70 -27.96 6.42
N GLU A 475 30.26 -29.21 6.27
CA GLU A 475 30.34 -29.92 5.00
C GLU A 475 29.23 -29.42 4.06
N LEU A 476 28.04 -29.19 4.63
CA LEU A 476 26.92 -28.66 3.86
C LEU A 476 27.14 -27.21 3.47
N ALA A 477 27.56 -26.41 4.45
CA ALA A 477 27.83 -25.00 4.21
C ALA A 477 28.98 -24.82 3.22
N GLY A 478 29.81 -25.85 3.10
CA GLY A 478 30.91 -25.88 2.17
C GLY A 478 30.46 -26.22 0.77
N PHE A 479 29.19 -26.59 0.63
CA PHE A 479 28.63 -26.93 -0.69
C PHE A 479 27.82 -25.82 -1.31
N LEU A 480 27.35 -24.89 -0.49
CA LEU A 480 26.78 -23.66 -1.02
C LEU A 480 27.91 -22.78 -1.54
N ASP A 481 29.11 -23.04 -1.07
CA ASP A 481 30.25 -22.27 -1.47
C ASP A 481 30.79 -22.76 -2.78
N SER A 482 30.30 -23.89 -3.27
CA SER A 482 30.82 -24.32 -4.54
C SER A 482 29.76 -24.72 -5.53
N TYR A 483 28.84 -25.58 -5.12
CA TYR A 483 27.86 -26.16 -6.02
C TYR A 483 26.96 -25.10 -6.61
N ILE A 484 26.62 -24.09 -5.82
CA ILE A 484 25.80 -22.99 -6.30
C ILE A 484 26.68 -21.94 -7.02
N PRO A 485 26.28 -21.54 -8.26
CA PRO A 485 27.07 -20.65 -9.10
C PRO A 485 27.05 -19.18 -8.61
N GLU A 486 28.16 -18.48 -8.85
CA GLU A 486 28.29 -17.06 -8.49
C GLU A 486 27.33 -16.20 -9.31
N PRO A 487 26.35 -15.53 -8.65
CA PRO A 487 25.33 -14.70 -9.31
C PRO A 487 25.96 -13.55 -10.11
N GLU A 488 25.66 -13.50 -11.41
CA GLU A 488 26.25 -12.54 -12.34
C GLU A 488 25.91 -11.14 -11.90
N ARG A 489 26.87 -10.52 -11.22
CA ARG A 489 26.73 -9.20 -10.64
C ARG A 489 26.23 -8.20 -11.68
N ALA A 490 25.16 -7.48 -11.34
CA ALA A 490 24.38 -6.66 -12.29
C ALA A 490 25.22 -5.78 -13.24
N ILE A 491 26.40 -5.41 -12.76
CA ILE A 491 27.41 -4.73 -13.54
C ILE A 491 27.80 -5.52 -14.80
N ASP A 492 28.05 -6.82 -14.62
CA ASP A 492 28.57 -7.67 -15.72
C ASP A 492 27.53 -8.07 -16.76
N LYS A 493 26.25 -8.00 -16.39
CA LYS A 493 25.17 -8.35 -17.30
C LYS A 493 25.11 -7.36 -18.45
N PRO A 494 24.84 -7.85 -19.69
CA PRO A 494 24.77 -7.03 -20.91
C PRO A 494 23.91 -5.77 -20.78
N PHE A 495 24.51 -4.64 -21.11
CA PHE A 495 23.95 -3.31 -20.88
C PHE A 495 22.45 -3.11 -21.23
N LEU A 496 21.79 -2.30 -20.39
CA LEU A 496 20.40 -1.97 -20.57
C LEU A 496 19.96 -0.82 -19.66
N LEU A 497 19.27 0.14 -20.23
CA LEU A 497 18.71 1.27 -19.49
C LEU A 497 17.31 1.52 -19.95
N PRO A 498 16.35 1.42 -19.04
CA PRO A 498 14.97 1.79 -19.28
C PRO A 498 14.83 3.29 -19.52
N ILE A 499 14.27 3.66 -20.67
CA ILE A 499 14.06 5.07 -20.98
C ILE A 499 12.91 5.57 -20.14
N GLU A 500 13.21 6.54 -19.28
CA GLU A 500 12.23 7.09 -18.35
C GLU A 500 11.72 8.44 -18.85
N ASP A 501 12.55 9.13 -19.64
CA ASP A 501 12.18 10.40 -20.23
C ASP A 501 13.11 10.82 -21.37
N VAL A 502 12.64 11.76 -22.20
CA VAL A 502 13.36 12.23 -23.39
C VAL A 502 13.44 13.74 -23.40
N PHE A 503 14.59 14.26 -23.79
CA PHE A 503 14.77 15.70 -23.89
C PHE A 503 15.57 16.08 -25.14
N SER A 504 15.11 17.11 -25.84
CA SER A 504 15.86 17.63 -26.98
C SER A 504 16.52 18.93 -26.61
N ILE A 505 17.81 18.85 -26.30
CA ILE A 505 18.58 20.02 -25.90
C ILE A 505 19.33 20.59 -27.11
N SER A 506 19.33 21.92 -27.23
CA SER A 506 20.10 22.61 -28.26
C SER A 506 21.57 22.59 -27.89
N GLY A 507 22.34 21.97 -28.76
CA GLY A 507 23.76 21.75 -28.51
C GLY A 507 24.01 20.42 -27.85
N ARG A 508 22.97 19.66 -27.55
CA ARG A 508 23.17 18.34 -26.97
C ARG A 508 22.54 17.19 -27.74
N GLY A 509 22.00 17.46 -28.92
CA GLY A 509 21.26 16.41 -29.61
C GLY A 509 20.11 15.98 -28.72
N THR A 510 20.00 14.68 -28.47
CA THR A 510 18.89 14.20 -27.69
C THR A 510 19.38 13.35 -26.56
N VAL A 511 18.86 13.62 -25.37
CA VAL A 511 19.28 12.93 -24.18
C VAL A 511 18.10 12.23 -23.48
N VAL A 512 18.33 10.98 -23.08
CA VAL A 512 17.36 10.22 -22.31
C VAL A 512 17.92 9.98 -20.91
N THR A 513 17.04 9.87 -19.93
CA THR A 513 17.45 9.65 -18.55
C THR A 513 16.79 8.44 -17.91
N GLY A 514 17.23 8.11 -16.69
CA GLY A 514 16.70 6.98 -15.95
C GLY A 514 17.85 6.18 -15.43
N ARG A 515 17.71 5.62 -14.24
CA ARG A 515 18.74 4.77 -13.68
C ARG A 515 18.99 3.57 -14.59
N VAL A 516 20.23 3.43 -15.04
CA VAL A 516 20.64 2.29 -15.85
C VAL A 516 20.52 1.00 -15.03
N GLU A 517 19.73 0.08 -15.54
CA GLU A 517 19.44 -1.17 -14.85
C GLU A 517 20.69 -2.06 -14.75
N ARG A 518 21.25 -2.45 -15.90
CA ARG A 518 22.40 -3.37 -15.93
C ARG A 518 23.44 -2.95 -16.94
N GLY A 519 24.68 -3.35 -16.69
CA GLY A 519 25.78 -3.14 -17.64
C GLY A 519 26.49 -1.79 -17.53
N ILE A 520 27.57 -1.64 -18.30
CA ILE A 520 28.36 -0.40 -18.32
C ILE A 520 28.21 0.28 -19.67
N ILE A 521 28.12 1.61 -19.66
CA ILE A 521 28.06 2.41 -20.90
C ILE A 521 29.17 3.47 -20.97
N LYS A 522 30.24 3.13 -21.67
CA LYS A 522 31.29 4.10 -21.99
C LYS A 522 30.83 4.99 -23.14
N VAL A 523 31.22 6.26 -23.09
CA VAL A 523 30.87 7.22 -24.14
C VAL A 523 31.44 6.82 -25.52
N GLY A 524 30.56 6.67 -26.51
CA GLY A 524 31.00 6.29 -27.84
C GLY A 524 30.42 4.96 -28.27
N GLU A 525 30.24 4.05 -27.30
CA GLU A 525 29.72 2.71 -27.56
C GLU A 525 28.38 2.82 -28.25
N GLU A 526 28.16 1.93 -29.22
CA GLU A 526 26.88 1.88 -29.91
C GLU A 526 25.75 1.19 -29.12
N VAL A 527 24.55 1.74 -29.18
CA VAL A 527 23.41 1.18 -28.46
C VAL A 527 22.17 1.16 -29.32
N GLU A 528 21.14 0.46 -28.86
CA GLU A 528 19.92 0.33 -29.64
C GLU A 528 18.72 0.87 -28.89
N ILE A 529 17.86 1.60 -29.55
CA ILE A 529 16.69 2.08 -28.85
C ILE A 529 15.54 1.21 -29.23
N VAL A 530 15.15 0.31 -28.35
CA VAL A 530 14.09 -0.62 -28.67
C VAL A 530 12.91 -0.45 -27.71
N GLY A 531 11.74 -0.25 -28.28
CA GLY A 531 10.54 -0.21 -27.47
C GLY A 531 9.35 -0.62 -28.26
N ILE A 532 8.95 0.22 -29.22
CA ILE A 532 7.77 -0.05 -30.02
C ILE A 532 8.02 -0.03 -31.50
N LYS A 533 8.77 0.95 -31.96
CA LYS A 533 9.06 1.12 -33.39
C LYS A 533 10.18 0.19 -33.83
N GLU A 534 10.39 0.08 -35.13
CA GLU A 534 11.44 -0.81 -35.51
C GLU A 534 12.54 -0.33 -34.62
N THR A 535 13.10 -1.25 -33.86
CA THR A 535 14.30 -1.00 -33.09
C THR A 535 15.35 -0.24 -33.91
N GLN A 536 15.62 1.00 -33.52
CA GLN A 536 16.61 1.84 -34.19
C GLN A 536 17.93 1.76 -33.44
N LYS A 537 19.01 2.24 -34.06
CA LYS A 537 20.35 2.17 -33.45
C LYS A 537 21.04 3.52 -33.47
N SER A 538 21.89 3.77 -32.48
CA SER A 538 22.52 5.08 -32.34
C SER A 538 23.74 5.00 -31.46
N THR A 539 24.65 5.96 -31.65
CA THR A 539 25.86 6.02 -30.84
C THR A 539 25.70 6.98 -29.67
N CYS A 540 26.36 6.63 -28.58
CA CYS A 540 26.29 7.40 -27.36
C CYS A 540 27.27 8.53 -27.45
N THR A 541 26.76 9.74 -27.47
CA THR A 541 27.63 10.90 -27.50
C THR A 541 28.22 11.18 -26.13
N GLY A 542 27.37 11.39 -25.13
CA GLY A 542 27.85 11.68 -23.77
C GLY A 542 26.94 11.16 -22.66
N VAL A 543 27.55 10.79 -21.55
CA VAL A 543 26.82 10.29 -20.38
C VAL A 543 27.11 11.24 -19.26
N GLU A 544 26.07 11.67 -18.55
CA GLU A 544 26.24 12.68 -17.52
C GLU A 544 25.28 12.56 -16.37
N MET A 545 25.62 13.19 -15.25
CA MET A 545 24.76 13.25 -14.07
C MET A 545 24.35 14.69 -13.85
N PHE A 546 24.09 15.04 -12.60
CA PHE A 546 23.92 16.42 -12.24
C PHE A 546 25.26 17.10 -12.01
N ARG A 547 25.95 16.73 -10.92
CA ARG A 547 27.23 17.35 -10.57
C ARG A 547 28.39 16.97 -11.50
N LYS A 548 28.49 15.67 -11.82
CA LYS A 548 29.51 15.20 -12.75
C LYS A 548 28.97 14.98 -14.16
N LEU A 549 29.83 15.26 -15.13
CA LEU A 549 29.60 14.85 -16.50
C LEU A 549 30.63 13.76 -16.80
N LEU A 550 30.34 12.53 -16.39
CA LEU A 550 31.30 11.42 -16.50
C LEU A 550 31.43 10.85 -17.91
N ASP A 551 32.11 9.72 -18.04
CA ASP A 551 32.28 9.14 -19.36
C ASP A 551 31.79 7.72 -19.44
N GLU A 552 31.94 6.97 -18.35
CA GLU A 552 31.35 5.65 -18.27
C GLU A 552 30.16 5.63 -17.32
N GLY A 553 29.11 4.92 -17.71
CA GLY A 553 27.91 4.80 -16.88
C GLY A 553 27.74 3.41 -16.27
N ARG A 554 28.11 3.27 -15.00
CA ARG A 554 27.99 2.01 -14.29
C ARG A 554 26.51 1.67 -14.02
N ALA A 555 26.21 0.37 -14.00
CA ALA A 555 24.88 -0.12 -13.67
C ALA A 555 24.43 0.31 -12.27
N GLY A 556 23.14 0.59 -12.16
CA GLY A 556 22.55 0.94 -10.89
C GLY A 556 22.90 2.37 -10.51
N GLU A 557 22.98 3.22 -11.52
CA GLU A 557 23.24 4.63 -11.32
C GLU A 557 22.30 5.49 -12.15
N ASN A 558 21.84 6.60 -11.56
CA ASN A 558 20.94 7.53 -12.23
C ASN A 558 21.69 8.47 -13.13
N VAL A 559 21.48 8.35 -14.44
CA VAL A 559 22.27 9.10 -15.42
C VAL A 559 21.43 9.66 -16.56
N GLY A 560 22.09 10.40 -17.45
CA GLY A 560 21.47 10.91 -18.66
C GLY A 560 22.43 10.76 -19.83
N VAL A 561 22.05 9.93 -20.80
CA VAL A 561 22.90 9.59 -21.93
C VAL A 561 22.49 10.34 -23.20
N LEU A 562 23.46 10.99 -23.85
CA LEU A 562 23.26 11.74 -25.10
C LEU A 562 23.21 10.82 -26.31
N LEU A 563 22.40 11.22 -27.28
CA LEU A 563 22.25 10.48 -28.53
C LEU A 563 22.34 11.43 -29.71
N ARG A 564 23.11 11.03 -30.73
CA ARG A 564 23.26 11.81 -31.93
C ARG A 564 22.44 11.21 -33.07
N GLY A 565 22.05 12.08 -34.01
CA GLY A 565 21.39 11.68 -35.26
C GLY A 565 20.04 11.05 -35.01
N ILE A 566 19.42 11.42 -33.90
CA ILE A 566 18.09 10.93 -33.54
C ILE A 566 17.44 11.92 -32.55
N LYS A 567 16.25 12.39 -32.90
CA LYS A 567 15.61 13.45 -32.11
C LYS A 567 14.49 12.90 -31.22
N ARG A 568 13.75 13.81 -30.56
CA ARG A 568 12.78 13.45 -29.52
C ARG A 568 11.60 12.69 -30.04
N GLU A 569 11.14 13.04 -31.24
CA GLU A 569 9.89 12.53 -31.80
C GLU A 569 9.84 11.00 -31.86
N GLU A 570 11.01 10.36 -32.06
CA GLU A 570 11.09 8.91 -32.32
C GLU A 570 11.60 8.08 -31.12
N ILE A 571 11.50 8.64 -29.92
CA ILE A 571 11.80 7.89 -28.69
C ILE A 571 10.65 7.97 -27.67
N GLU A 572 9.87 6.92 -27.57
CA GLU A 572 8.81 6.88 -26.58
C GLU A 572 9.36 6.40 -25.22
N ARG A 573 8.60 6.60 -24.14
CA ARG A 573 8.96 6.06 -22.82
C ARG A 573 8.60 4.59 -22.74
N GLY A 574 9.35 3.82 -21.95
CA GLY A 574 9.09 2.39 -21.83
C GLY A 574 10.03 1.64 -22.75
N GLN A 575 10.53 2.34 -23.76
CA GLN A 575 11.60 1.85 -24.58
C GLN A 575 12.80 1.61 -23.69
N VAL A 576 13.68 0.73 -24.15
CA VAL A 576 14.92 0.48 -23.45
C VAL A 576 16.13 0.96 -24.27
N LEU A 577 17.23 1.16 -23.59
CA LEU A 577 18.43 1.60 -24.25
C LEU A 577 19.54 0.62 -23.93
N ALA A 578 19.63 -0.43 -24.74
CA ALA A 578 20.48 -1.56 -24.42
C ALA A 578 21.52 -1.81 -25.48
N LYS A 579 22.41 -2.75 -25.20
CA LYS A 579 23.40 -3.16 -26.17
C LYS A 579 22.68 -3.87 -27.32
N PRO A 580 23.14 -3.63 -28.56
CA PRO A 580 22.57 -4.22 -29.77
C PRO A 580 22.50 -5.74 -29.73
N GLY A 581 21.36 -6.30 -30.10
CA GLY A 581 21.20 -7.75 -30.13
C GLY A 581 21.28 -8.44 -28.77
N THR A 582 21.07 -7.70 -27.69
CA THR A 582 21.08 -8.26 -26.34
C THR A 582 19.67 -8.61 -25.89
N ILE A 583 18.74 -7.73 -26.26
CA ILE A 583 17.33 -7.84 -25.90
C ILE A 583 16.41 -7.48 -27.07
N LYS A 584 15.50 -8.39 -27.41
CA LYS A 584 14.57 -8.21 -28.52
C LYS A 584 13.15 -7.85 -28.07
N PRO A 585 12.38 -7.14 -28.92
CA PRO A 585 11.03 -6.74 -28.54
C PRO A 585 10.00 -7.74 -28.98
N HIS A 586 9.18 -8.20 -28.06
CA HIS A 586 8.09 -9.09 -28.44
C HIS A 586 6.79 -8.55 -27.97
N THR A 587 5.70 -9.24 -28.30
CA THR A 587 4.38 -8.82 -27.81
C THR A 587 3.48 -10.01 -27.37
N LYS A 588 4.03 -11.22 -27.47
CA LYS A 588 3.27 -12.43 -27.14
C LYS A 588 4.13 -13.44 -26.39
N PHE A 589 3.85 -13.57 -25.10
CA PHE A 589 4.57 -14.47 -24.24
C PHE A 589 3.64 -15.21 -23.30
N GLU A 590 4.25 -16.09 -22.52
CA GLU A 590 3.57 -16.90 -21.52
C GLU A 590 4.16 -16.50 -20.19
N SER A 591 3.31 -16.43 -19.17
CA SER A 591 3.76 -15.99 -17.86
C SER A 591 2.88 -16.48 -16.72
N GLU A 592 3.41 -16.40 -15.50
CA GLU A 592 2.65 -16.73 -14.30
C GLU A 592 2.53 -15.48 -13.44
N VAL A 593 1.33 -15.25 -12.91
CA VAL A 593 1.05 -14.03 -12.15
C VAL A 593 0.31 -14.28 -10.85
N TYR A 594 0.68 -13.54 -9.82
CA TYR A 594 -0.11 -13.52 -8.62
C TYR A 594 -1.14 -12.37 -8.65
N ILE A 595 -2.38 -12.67 -8.28
CA ILE A 595 -3.39 -11.62 -8.16
C ILE A 595 -3.55 -11.17 -6.71
N LEU A 596 -3.51 -9.85 -6.48
CA LEU A 596 -3.67 -9.31 -5.13
C LEU A 596 -5.06 -9.56 -4.60
N SER A 597 -5.16 -10.03 -3.36
CA SER A 597 -6.43 -10.40 -2.78
C SER A 597 -7.20 -9.17 -2.42
N LYS A 598 -8.39 -9.39 -1.85
CA LYS A 598 -9.30 -8.33 -1.42
C LYS A 598 -8.60 -7.45 -0.41
N ASP A 599 -7.78 -8.11 0.40
CA ASP A 599 -7.10 -7.48 1.50
C ASP A 599 -5.70 -7.09 1.07
N GLU A 600 -5.51 -6.90 -0.23
CA GLU A 600 -4.21 -6.49 -0.77
C GLU A 600 -4.38 -5.42 -1.85
N GLY A 601 -5.58 -4.84 -1.91
CA GLY A 601 -5.87 -3.75 -2.85
C GLY A 601 -6.38 -4.26 -4.19
N GLY A 602 -6.15 -5.55 -4.46
CA GLY A 602 -6.57 -6.17 -5.71
C GLY A 602 -8.07 -6.23 -5.83
N ARG A 603 -8.55 -6.52 -7.03
CA ARG A 603 -9.98 -6.46 -7.31
C ARG A 603 -10.75 -7.42 -6.41
N HIS A 604 -11.68 -6.91 -5.62
CA HIS A 604 -12.52 -7.78 -4.80
C HIS A 604 -13.59 -8.40 -5.66
N THR A 605 -13.26 -8.65 -6.92
CA THR A 605 -14.07 -9.46 -7.81
C THR A 605 -13.17 -10.26 -8.72
N PRO A 606 -13.52 -11.51 -8.96
CA PRO A 606 -12.76 -12.35 -9.85
C PRO A 606 -13.04 -11.90 -11.24
N PHE A 607 -12.33 -12.45 -12.21
CA PHE A 607 -12.56 -12.12 -13.60
C PHE A 607 -12.55 -13.40 -14.39
N PHE A 608 -12.99 -13.33 -15.63
CA PHE A 608 -13.12 -14.51 -16.48
C PHE A 608 -12.25 -14.48 -17.73
N LYS A 609 -12.77 -14.88 -18.89
CA LYS A 609 -11.89 -15.05 -20.04
C LYS A 609 -11.24 -13.79 -20.65
N GLY A 610 -12.00 -12.73 -20.85
CA GLY A 610 -11.48 -11.58 -21.59
C GLY A 610 -10.94 -10.43 -20.76
N TYR A 611 -10.05 -10.75 -19.83
CA TYR A 611 -9.51 -9.75 -18.94
C TYR A 611 -8.50 -8.91 -19.69
N ARG A 612 -8.74 -7.60 -19.72
CA ARG A 612 -7.89 -6.66 -20.47
C ARG A 612 -7.33 -5.51 -19.61
N PRO A 613 -6.24 -5.79 -18.87
CA PRO A 613 -5.59 -4.78 -18.06
C PRO A 613 -4.40 -4.18 -18.79
N GLN A 614 -3.75 -3.21 -18.17
CA GLN A 614 -2.49 -2.71 -18.68
C GLN A 614 -1.35 -3.39 -17.91
N PHE A 615 -0.34 -3.86 -18.63
CA PHE A 615 0.80 -4.52 -18.03
C PHE A 615 1.97 -3.57 -17.83
N TYR A 616 2.04 -2.92 -16.66
CA TYR A 616 3.14 -2.01 -16.35
C TYR A 616 4.43 -2.79 -16.34
N PHE A 617 5.32 -2.48 -17.29
CA PHE A 617 6.56 -3.21 -17.49
C PHE A 617 7.78 -2.61 -16.81
N ARG A 618 8.38 -1.61 -17.45
CA ARG A 618 9.59 -1.05 -16.92
C ARG A 618 9.31 0.31 -16.36
N THR A 619 8.72 1.15 -17.20
CA THR A 619 8.42 2.51 -16.82
C THR A 619 7.06 2.89 -17.31
N THR A 620 6.72 2.44 -18.50
CA THR A 620 5.43 2.77 -19.09
C THR A 620 4.44 1.66 -18.84
N ASP A 621 3.17 1.95 -19.12
CA ASP A 621 2.12 0.98 -18.94
C ASP A 621 1.75 0.48 -20.33
N VAL A 622 1.42 -0.79 -20.49
CA VAL A 622 0.98 -1.27 -21.82
C VAL A 622 -0.21 -2.24 -21.74
N THR A 623 -1.32 -1.85 -22.37
CA THR A 623 -2.57 -2.61 -22.33
C THR A 623 -2.46 -3.89 -23.15
N GLY A 624 -3.47 -4.74 -23.12
CA GLY A 624 -3.44 -6.01 -23.83
C GLY A 624 -4.34 -7.08 -23.26
N THR A 625 -4.62 -8.10 -24.07
CA THR A 625 -5.49 -9.19 -23.66
C THR A 625 -4.70 -10.36 -23.08
N ILE A 626 -5.41 -11.35 -22.55
CA ILE A 626 -4.76 -12.56 -22.07
C ILE A 626 -5.56 -13.79 -22.45
N GLU A 627 -5.24 -14.91 -21.82
CA GLU A 627 -6.00 -16.12 -22.00
C GLU A 627 -5.72 -17.03 -20.82
N LEU A 628 -6.56 -18.04 -20.64
CA LEU A 628 -6.35 -18.98 -19.57
C LEU A 628 -5.78 -20.27 -20.14
N PRO A 629 -4.98 -20.98 -19.36
CA PRO A 629 -4.39 -22.23 -19.78
C PRO A 629 -5.53 -23.21 -19.74
N GLU A 630 -5.32 -24.42 -20.22
CA GLU A 630 -6.43 -25.29 -20.41
C GLU A 630 -7.24 -25.44 -19.14
N GLY A 631 -8.52 -25.14 -19.21
CA GLY A 631 -9.41 -25.55 -18.16
C GLY A 631 -9.76 -24.62 -17.01
N VAL A 632 -9.02 -23.56 -16.77
CA VAL A 632 -9.49 -22.60 -15.77
C VAL A 632 -10.42 -21.64 -16.47
N GLU A 633 -11.49 -21.23 -15.80
CA GLU A 633 -12.47 -20.29 -16.39
C GLU A 633 -12.69 -19.05 -15.53
N MET A 634 -12.13 -19.05 -14.33
CA MET A 634 -12.32 -17.97 -13.37
C MET A 634 -11.10 -17.85 -12.45
N VAL A 635 -10.67 -16.62 -12.19
CA VAL A 635 -9.55 -16.36 -11.30
C VAL A 635 -9.91 -15.23 -10.36
N MET A 636 -9.68 -15.47 -9.08
CA MET A 636 -10.06 -14.54 -8.03
C MET A 636 -8.89 -13.75 -7.47
N PRO A 637 -9.17 -12.65 -6.74
CA PRO A 637 -8.17 -11.96 -5.93
C PRO A 637 -7.52 -12.85 -4.88
N GLY A 638 -6.22 -13.05 -4.99
CA GLY A 638 -5.48 -13.87 -4.04
C GLY A 638 -5.23 -15.23 -4.65
N ASP A 639 -4.95 -15.26 -5.94
CA ASP A 639 -4.68 -16.50 -6.66
C ASP A 639 -3.37 -16.48 -7.40
N ASN A 640 -2.76 -17.67 -7.55
CA ASN A 640 -1.69 -17.84 -8.53
C ASN A 640 -2.31 -18.40 -9.78
N ILE A 641 -1.76 -18.03 -10.94
CA ILE A 641 -2.24 -18.57 -12.19
C ILE A 641 -1.22 -18.47 -13.34
N LYS A 642 -1.17 -19.50 -14.17
CA LYS A 642 -0.47 -19.41 -15.45
C LYS A 642 -1.33 -18.64 -16.46
N MET A 643 -0.70 -17.94 -17.42
CA MET A 643 -1.43 -17.38 -18.56
C MET A 643 -0.58 -16.99 -19.76
N VAL A 644 -1.24 -16.75 -20.89
CA VAL A 644 -0.60 -16.28 -22.12
C VAL A 644 -0.93 -14.81 -22.38
N VAL A 645 0.02 -13.94 -22.05
CA VAL A 645 -0.18 -12.52 -22.19
C VAL A 645 0.16 -12.11 -23.61
N THR A 646 -0.78 -11.44 -24.25
CA THR A 646 -0.55 -10.89 -25.57
C THR A 646 -0.98 -9.39 -25.62
N LEU A 647 -0.01 -8.52 -25.37
CA LEU A 647 -0.25 -7.08 -25.26
C LEU A 647 -0.40 -6.43 -26.62
N ILE A 648 -0.68 -5.12 -26.61
CA ILE A 648 -1.04 -4.38 -27.83
C ILE A 648 0.13 -4.08 -28.78
N HIS A 649 1.10 -3.30 -28.33
CA HIS A 649 2.33 -3.07 -29.09
C HIS A 649 3.57 -3.35 -28.30
N PRO A 650 4.56 -4.05 -28.92
CA PRO A 650 5.73 -4.70 -28.33
C PRO A 650 6.52 -3.93 -27.28
N ILE A 651 7.16 -4.66 -26.37
CA ILE A 651 8.14 -4.07 -25.45
C ILE A 651 9.36 -4.96 -25.44
N ALA A 652 10.54 -4.36 -25.39
CA ALA A 652 11.77 -5.13 -25.23
C ALA A 652 11.78 -5.94 -23.94
N MET A 653 12.08 -7.23 -24.03
CA MET A 653 11.98 -8.14 -22.87
C MET A 653 12.83 -9.40 -22.95
N ASP A 654 12.95 -10.09 -21.82
CA ASP A 654 13.39 -11.48 -21.75
C ASP A 654 12.90 -12.04 -20.43
N ASP A 655 12.94 -13.35 -20.25
CA ASP A 655 12.37 -13.91 -19.05
C ASP A 655 13.01 -13.35 -17.83
N GLY A 656 12.19 -13.06 -16.84
CA GLY A 656 12.68 -12.45 -15.63
C GLY A 656 12.23 -11.02 -15.45
N LEU A 657 11.44 -10.50 -16.38
CA LEU A 657 10.88 -9.17 -16.15
C LEU A 657 9.74 -9.18 -15.17
N ARG A 658 10.03 -8.66 -14.00
CA ARG A 658 9.02 -8.38 -13.03
C ARG A 658 8.03 -7.31 -13.56
N PHE A 659 6.89 -7.79 -14.06
CA PHE A 659 5.84 -6.91 -14.50
C PHE A 659 4.63 -6.96 -13.61
N ALA A 660 4.14 -5.78 -13.27
CA ALA A 660 2.97 -5.68 -12.44
C ALA A 660 1.73 -5.66 -13.34
N ILE A 661 0.55 -5.46 -12.75
CA ILE A 661 -0.66 -5.41 -13.53
C ILE A 661 -1.54 -4.29 -13.06
N ARG A 662 -1.48 -3.16 -13.75
CA ARG A 662 -2.31 -2.03 -13.42
C ARG A 662 -3.74 -2.14 -13.92
N GLU A 663 -4.67 -1.81 -13.06
CA GLU A 663 -6.03 -1.59 -13.47
C GLU A 663 -6.31 -0.15 -13.16
N GLY A 664 -6.50 0.64 -14.20
CA GLY A 664 -6.84 2.04 -14.02
C GLY A 664 -5.92 2.70 -13.01
N GLY A 665 -4.62 2.47 -13.14
CA GLY A 665 -3.68 3.21 -12.34
C GLY A 665 -3.39 2.58 -11.01
N ARG A 666 -4.07 1.51 -10.67
CA ARG A 666 -3.77 0.82 -9.42
C ARG A 666 -3.46 -0.60 -9.76
N THR A 667 -2.50 -1.19 -9.06
CA THR A 667 -2.04 -2.52 -9.42
C THR A 667 -2.75 -3.63 -8.66
N VAL A 668 -3.26 -4.57 -9.43
CA VAL A 668 -4.11 -5.64 -8.91
C VAL A 668 -3.48 -7.02 -9.14
N GLY A 669 -2.30 -7.03 -9.74
CA GLY A 669 -1.57 -8.25 -9.98
C GLY A 669 -0.09 -7.96 -10.04
N ALA A 670 0.69 -9.03 -10.09
CA ALA A 670 2.09 -8.93 -10.46
C ALA A 670 2.55 -10.27 -11.04
N GLY A 671 3.70 -10.27 -11.72
CA GLY A 671 4.19 -11.49 -12.31
C GLY A 671 5.53 -11.39 -13.02
N VAL A 672 6.07 -12.55 -13.36
CA VAL A 672 7.30 -12.65 -14.13
C VAL A 672 7.03 -13.35 -15.45
N VAL A 673 7.56 -12.81 -16.52
CA VAL A 673 7.46 -13.47 -17.81
C VAL A 673 8.14 -14.84 -17.76
N ALA A 674 7.42 -15.87 -18.19
CA ALA A 674 7.91 -17.23 -18.06
C ALA A 674 8.64 -17.74 -19.30
N LYS A 675 7.97 -17.73 -20.45
CA LYS A 675 8.59 -18.06 -21.74
C LYS A 675 7.94 -17.19 -22.81
N VAL A 676 8.70 -16.79 -23.83
CA VAL A 676 8.17 -15.87 -24.83
C VAL A 676 7.82 -16.54 -26.16
N LEU A 677 6.60 -16.31 -26.60
CA LEU A 677 6.04 -17.08 -27.70
C LEU A 677 6.35 -16.45 -29.04
N SER A 678 5.80 -17.04 -30.10
CA SER A 678 6.06 -16.60 -31.46
C SER A 678 5.83 -15.09 -31.66
N GLY A 679 4.68 -14.60 -31.21
CA GLY A 679 4.32 -13.17 -31.38
C GLY A 679 3.21 -12.93 -32.40
N ALA A 680 2.40 -11.90 -32.14
CA ALA A 680 1.24 -11.61 -32.99
C ALA A 680 0.88 -10.14 -33.01
N SER A 700 -16.64 -3.12 -24.97
CA SER A 700 -17.41 -2.18 -25.80
C SER A 700 -17.80 -0.93 -25.05
N SER A 701 -17.56 0.21 -25.69
CA SER A 701 -17.91 1.52 -25.14
C SER A 701 -18.68 2.34 -26.17
N ARG A 702 -19.48 3.30 -25.71
CA ARG A 702 -20.20 4.22 -26.59
C ARG A 702 -19.51 5.57 -26.57
N ASN A 703 -18.82 5.87 -27.66
CA ASN A 703 -18.14 7.14 -27.85
C ASN A 703 -19.16 8.25 -27.91
N SER A 704 -20.32 7.95 -28.48
CA SER A 704 -21.41 8.93 -28.65
C SER A 704 -21.89 9.36 -27.29
N LEU A 705 -21.84 8.43 -26.35
CA LEU A 705 -22.34 8.62 -24.99
C LEU A 705 -21.53 9.68 -24.27
N SER A 706 -20.22 9.52 -24.28
CA SER A 706 -19.32 10.46 -23.63
C SER A 706 -19.46 11.87 -24.21
N ALA A 707 -19.73 11.95 -25.51
CA ALA A 707 -19.90 13.22 -26.21
C ALA A 707 -21.19 13.91 -25.79
N GLN A 708 -22.19 13.10 -25.45
CA GLN A 708 -23.46 13.61 -24.93
C GLN A 708 -23.24 14.16 -23.54
N LEU A 709 -22.44 13.43 -22.77
CA LEU A 709 -22.15 13.79 -21.40
C LEU A 709 -21.30 15.06 -21.34
N ARG A 710 -20.28 15.12 -22.20
CA ARG A 710 -19.41 16.27 -22.34
C ARG A 710 -20.20 17.57 -22.63
N ARG A 711 -21.23 17.47 -23.47
CA ARG A 711 -22.05 18.61 -23.82
C ARG A 711 -22.85 19.12 -22.64
N ALA A 712 -23.38 18.19 -21.85
CA ALA A 712 -24.13 18.52 -20.63
C ALA A 712 -23.19 18.88 -19.49
N ALA A 713 -21.95 18.44 -19.64
CA ALA A 713 -20.95 18.73 -18.65
C ALA A 713 -20.60 20.21 -18.68
N ASN A 714 -20.71 20.81 -19.87
CA ASN A 714 -20.35 22.21 -20.03
C ASN A 714 -21.54 23.11 -19.90
N THR A 715 -22.69 22.49 -19.78
CA THR A 715 -23.92 23.18 -19.55
C THR A 715 -23.82 23.96 -18.31
N ARG A 716 -23.93 25.27 -18.40
CA ARG A 716 -23.99 26.10 -17.22
C ARG A 716 -25.44 26.20 -16.77
N ILE A 717 -25.78 25.68 -15.60
CA ILE A 717 -27.15 25.87 -15.11
C ILE A 717 -27.34 27.26 -14.54
N GLU A 718 -28.59 27.61 -14.22
CA GLU A 718 -28.94 28.97 -13.85
C GLU A 718 -29.96 28.98 -12.72
N VAL A 719 -29.71 29.80 -11.71
CA VAL A 719 -30.55 29.85 -10.51
C VAL A 719 -30.98 31.26 -10.21
N GLU A 720 -32.25 31.39 -9.82
CA GLU A 720 -32.81 32.67 -9.39
C GLU A 720 -32.16 33.16 -8.09
N GLY A 721 -31.01 33.81 -8.23
CA GLY A 721 -30.25 34.40 -7.12
C GLY A 721 -29.15 33.50 -6.61
N ASN A 722 -28.96 33.51 -5.29
CA ASN A 722 -27.95 32.69 -4.63
C ASN A 722 -28.41 31.26 -4.43
N LEU A 723 -27.80 30.34 -5.15
CA LEU A 723 -28.17 28.93 -5.05
C LEU A 723 -27.75 28.36 -3.71
N ALA A 724 -26.51 28.63 -3.35
CA ALA A 724 -25.97 28.08 -2.14
C ALA A 724 -26.87 28.41 -0.98
N LEU A 725 -27.32 29.65 -0.90
CA LEU A 725 -28.05 30.12 0.27
C LEU A 725 -29.36 29.37 0.38
N SER A 726 -29.96 29.11 -0.77
CA SER A 726 -31.18 28.35 -0.78
C SER A 726 -30.86 26.90 -0.37
N ILE A 727 -29.82 26.29 -0.93
CA ILE A 727 -29.49 24.90 -0.60
C ILE A 727 -29.28 24.77 0.91
N ALA A 728 -28.56 25.72 1.48
CA ALA A 728 -28.26 25.68 2.90
C ALA A 728 -29.48 26.03 3.72
N ASN A 729 -30.27 27.00 3.30
CA ASN A 729 -31.50 27.26 4.02
C ASN A 729 -32.43 26.06 4.00
N ASP A 730 -32.68 25.54 2.79
CA ASP A 730 -33.60 24.42 2.59
C ASP A 730 -33.06 23.14 3.23
N LEU A 731 -31.79 23.16 3.56
CA LEU A 731 -31.20 22.11 4.37
C LEU A 731 -31.50 22.28 5.87
N LEU A 732 -31.55 23.54 6.31
CA LEU A 732 -31.82 23.88 7.72
C LEU A 732 -33.24 23.54 8.12
N LEU A 733 -34.17 23.76 7.20
CA LEU A 733 -35.52 23.39 7.49
C LEU A 733 -35.65 21.87 7.51
N ALA A 734 -34.76 21.16 6.79
CA ALA A 734 -34.67 19.67 6.80
C ALA A 734 -34.26 19.15 8.18
N TYR A 735 -33.82 20.06 9.03
CA TYR A 735 -33.32 19.72 10.33
C TYR A 735 -34.05 20.47 11.41
N GLY A 736 -35.13 21.14 11.04
CA GLY A 736 -35.97 21.88 11.99
C GLY A 736 -35.39 23.21 12.39
N GLN A 737 -34.08 23.36 12.16
CA GLN A 737 -33.37 24.57 12.54
C GLN A 737 -33.82 25.76 11.72
N SER A 738 -33.83 26.93 12.36
CA SER A 738 -34.25 28.16 11.68
C SER A 738 -33.27 28.59 10.58
N PRO A 739 -33.77 28.92 9.38
CA PRO A 739 -32.94 29.24 8.22
C PRO A 739 -32.36 30.66 8.28
N PHE A 740 -31.44 30.97 7.38
CA PHE A 740 -30.89 32.32 7.33
C PHE A 740 -31.95 33.20 6.76
N ASN A 741 -31.97 34.45 7.20
CA ASN A 741 -32.98 35.40 6.73
C ASN A 741 -32.35 36.39 5.77
N SER A 742 -31.16 36.87 6.11
CA SER A 742 -30.41 37.79 5.27
C SER A 742 -29.09 37.15 4.89
N GLU A 743 -28.32 37.85 4.07
CA GLU A 743 -27.04 37.32 3.59
C GLU A 743 -25.92 37.65 4.59
N ALA A 744 -26.29 38.18 5.77
CA ALA A 744 -25.32 38.55 6.82
C ALA A 744 -25.13 37.44 7.85
N GLU A 745 -26.22 36.74 8.12
CA GLU A 745 -26.24 35.71 9.14
C GLU A 745 -25.49 34.49 8.67
N CYS A 746 -25.08 34.46 7.41
CA CYS A 746 -24.31 33.34 6.89
C CYS A 746 -22.96 33.19 7.55
N ILE A 747 -22.47 34.30 8.09
CA ILE A 747 -21.15 34.36 8.72
C ILE A 747 -21.16 35.18 9.99
N SER A 748 -22.16 34.98 10.84
CA SER A 748 -22.26 35.71 12.10
C SER A 748 -23.14 34.95 13.10
N PHE A 749 -23.44 33.71 12.77
CA PHE A 749 -24.19 32.84 13.64
C PHE A 749 -23.21 32.05 14.51
N SER A 750 -23.31 32.21 15.84
CA SER A 750 -22.41 31.48 16.76
C SER A 750 -23.12 30.26 17.36
N PRO A 751 -22.68 29.04 16.99
CA PRO A 751 -23.35 27.79 17.39
C PRO A 751 -23.22 27.49 18.90
N ARG A 752 -24.30 27.06 19.55
CA ARG A 752 -24.24 26.75 20.98
C ARG A 752 -23.58 25.40 21.23
N PHE A 753 -22.86 25.28 22.35
CA PHE A 753 -22.12 24.06 22.66
C PHE A 753 -22.78 23.23 23.75
N ASP A 754 -23.96 22.67 23.43
CA ASP A 754 -24.71 21.76 24.32
C ASP A 754 -25.58 20.81 23.51
N GLY A 755 -26.66 20.33 24.10
CA GLY A 755 -27.56 19.41 23.41
C GLY A 755 -26.92 18.14 22.86
N THR A 756 -27.74 17.32 22.21
CA THR A 756 -27.28 16.04 21.71
C THR A 756 -26.18 16.36 20.71
N PRO A 757 -25.32 15.39 20.39
CA PRO A 757 -24.36 15.67 19.33
C PRO A 757 -25.05 16.00 17.98
N ASP A 758 -26.30 15.60 17.81
CA ASP A 758 -27.10 16.02 16.66
C ASP A 758 -27.54 17.49 16.76
N ASP A 759 -27.88 17.94 17.95
CA ASP A 759 -28.29 19.33 18.20
C ASP A 759 -27.14 20.27 17.90
N PHE A 760 -25.93 19.74 17.92
CA PHE A 760 -24.73 20.51 17.63
C PHE A 760 -24.25 20.35 16.19
N ARG A 761 -24.11 19.11 15.71
CA ARG A 761 -23.48 18.81 14.41
C ARG A 761 -24.02 19.66 13.26
N ILE A 762 -25.34 19.85 13.26
CA ILE A 762 -26.03 20.60 12.23
C ILE A 762 -26.07 22.07 12.61
N ASN A 763 -26.12 22.37 13.90
CA ASN A 763 -26.10 23.74 14.32
C ASN A 763 -24.73 24.33 14.07
N TYR A 764 -23.77 23.44 13.86
CA TYR A 764 -22.39 23.82 13.67
C TYR A 764 -22.07 23.98 12.21
N LEU A 765 -22.61 23.06 11.42
CA LEU A 765 -22.47 23.14 9.99
C LEU A 765 -23.12 24.43 9.48
N LYS A 766 -24.25 24.81 10.07
CA LYS A 766 -24.90 26.09 9.78
C LYS A 766 -23.95 27.27 9.86
N ALA A 767 -23.22 27.34 10.97
CA ALA A 767 -22.29 28.42 11.21
C ALA A 767 -21.11 28.35 10.29
N GLU A 768 -20.83 27.17 9.75
CA GLU A 768 -19.60 26.93 8.98
C GLU A 768 -19.74 26.76 7.48
N ILE A 769 -20.87 26.26 7.02
CA ILE A 769 -20.99 25.90 5.63
C ILE A 769 -20.82 27.10 4.72
N MET A 770 -21.36 28.23 5.15
CA MET A 770 -21.30 29.44 4.35
C MET A 770 -19.94 30.10 4.33
N SER A 771 -19.18 29.87 5.38
CA SER A 771 -18.20 30.82 5.79
C SER A 771 -17.35 31.33 4.66
N LYS A 772 -16.99 30.47 3.73
CA LYS A 772 -16.03 30.87 2.72
C LYS A 772 -16.65 31.27 1.39
N TYR A 773 -17.94 31.57 1.39
CA TYR A 773 -18.61 31.94 0.15
C TYR A 773 -18.18 33.32 -0.39
N ASP A 774 -17.24 33.31 -1.33
CA ASP A 774 -16.58 34.52 -1.82
C ASP A 774 -17.54 35.50 -2.47
N ASP A 775 -18.43 34.97 -3.30
CA ASP A 775 -19.41 35.75 -4.01
C ASP A 775 -20.58 36.14 -3.11
N PHE A 776 -20.38 37.11 -2.23
CA PHE A 776 -21.48 37.61 -1.39
C PHE A 776 -21.91 38.94 -1.91
N SER A 777 -23.14 38.99 -2.41
CA SER A 777 -23.65 40.21 -3.06
C SER A 777 -23.52 41.42 -2.14
N LEU A 778 -24.46 41.60 -1.23
CA LEU A 778 -24.33 42.78 -0.44
C LEU A 778 -23.36 42.43 0.65
N GLY A 779 -22.11 42.32 0.24
CA GLY A 779 -21.03 42.19 1.18
C GLY A 779 -20.23 43.45 1.01
N ILE A 780 -20.04 44.18 2.09
CA ILE A 780 -19.30 45.41 2.05
C ILE A 780 -17.87 45.03 2.39
N ASP A 781 -17.64 43.72 2.37
CA ASP A 781 -16.36 43.14 2.69
C ASP A 781 -15.33 43.35 1.63
N THR A 782 -14.08 43.03 2.01
CA THR A 782 -12.93 43.28 1.14
C THR A 782 -11.74 42.29 1.28
N GLU A 783 -10.65 42.65 0.62
CA GLU A 783 -9.39 41.96 0.77
C GLU A 783 -8.45 42.93 1.43
N ALA A 784 -8.94 44.14 1.67
CA ALA A 784 -8.13 45.21 2.20
C ALA A 784 -8.06 45.07 3.70
N VAL A 785 -9.09 44.45 4.26
CA VAL A 785 -9.09 44.09 5.67
C VAL A 785 -7.92 43.15 6.01
N ALA A 786 -7.58 42.25 5.09
CA ALA A 786 -6.44 41.34 5.21
C ALA A 786 -5.13 42.10 5.37
N TRP A 787 -4.97 43.19 4.62
CA TRP A 787 -3.82 44.06 4.72
C TRP A 787 -3.80 44.79 6.02
N GLU A 788 -5.00 45.17 6.51
CA GLU A 788 -5.15 45.93 7.75
C GLU A 788 -4.65 45.15 8.96
N LYS A 789 -4.80 43.83 8.88
CA LYS A 789 -4.33 42.93 9.95
C LYS A 789 -2.83 42.66 9.77
N PHE A 790 -2.37 42.79 8.53
CA PHE A 790 -1.01 42.53 8.24
C PHE A 790 -0.19 43.67 8.80
N LEU A 791 -0.86 44.81 9.00
CA LEU A 791 -0.25 45.97 9.63
C LEU A 791 0.03 45.64 11.07
N ALA A 792 -0.97 45.09 11.74
CA ALA A 792 -0.83 44.66 13.14
C ALA A 792 0.09 43.46 13.28
N ALA A 793 0.17 42.64 12.22
CA ALA A 793 1.09 41.51 12.16
C ALA A 793 2.54 41.96 12.28
N GLU A 794 2.78 43.23 12.01
CA GLU A 794 4.08 43.82 12.18
C GLU A 794 4.05 44.78 13.35
N ALA A 795 2.91 45.43 13.59
CA ALA A 795 2.80 46.40 14.68
C ALA A 795 2.98 45.72 16.03
N GLU A 796 2.27 44.61 16.22
CA GLU A 796 2.49 43.77 17.39
C GLU A 796 3.90 43.20 17.36
N CYS A 797 4.31 42.74 16.19
CA CYS A 797 5.63 42.16 16.06
C CYS A 797 6.77 43.18 16.32
N ALA A 798 6.46 44.45 16.16
CA ALA A 798 7.41 45.51 16.44
C ALA A 798 7.47 45.79 17.93
N LEU A 799 6.30 45.92 18.56
CA LEU A 799 6.21 46.21 19.98
C LEU A 799 6.88 45.12 20.80
N THR A 800 6.90 43.91 20.26
CA THR A 800 7.54 42.76 20.93
C THR A 800 9.00 42.64 20.58
N ASN A 801 9.33 42.83 19.31
CA ASN A 801 10.72 42.82 18.89
C ASN A 801 11.60 43.76 19.71
N ALA A 802 11.03 44.90 20.07
CA ALA A 802 11.72 45.94 20.84
C ALA A 802 11.82 45.54 22.29
N ARG A 803 10.67 45.24 22.89
CA ARG A 803 10.59 44.97 24.32
C ARG A 803 11.30 43.66 24.67
N LEU A 804 11.37 42.74 23.73
CA LEU A 804 12.01 41.48 23.98
C LEU A 804 13.54 41.60 23.89
N TYR A 805 14.06 42.80 24.14
CA TYR A 805 15.51 43.08 24.29
C TYR A 805 15.80 43.82 25.61
N ARG A 806 15.47 43.14 26.71
CA ARG A 806 15.97 43.46 28.06
C ARG A 806 15.68 42.33 29.09
N PRO A 807 16.47 41.23 29.07
CA PRO A 807 16.37 40.13 30.06
C PRO A 807 16.40 40.56 31.55
N ASP A 808 17.11 41.65 31.86
CA ASP A 808 17.04 42.25 33.20
C ASP A 808 16.00 43.39 33.24
N TYR A 809 14.97 43.22 34.07
CA TYR A 809 13.79 44.10 34.10
C TYR A 809 14.15 45.46 34.70
N SER A 810 14.71 45.45 35.89
CA SER A 810 15.25 46.66 36.50
C SER A 810 16.34 46.26 37.47
N GLU A 811 16.00 45.30 38.33
CA GLU A 811 16.93 44.78 39.32
C GLU A 811 16.71 43.26 39.53
N ASP A 812 17.18 42.72 40.64
CA ASP A 812 17.01 41.29 40.84
C ASP A 812 16.02 41.04 41.94
N PHE A 813 14.75 40.95 41.57
CA PHE A 813 13.72 40.62 42.52
C PHE A 813 12.74 39.76 41.78
N ASN A 814 12.11 40.38 40.78
CA ASN A 814 11.09 39.74 39.99
C ASN A 814 11.64 38.71 39.02
N PHE A 815 10.86 37.64 38.82
CA PHE A 815 11.20 36.57 37.88
C PHE A 815 10.00 36.09 37.04
N SER A 816 9.88 36.60 35.79
CA SER A 816 8.77 36.29 34.85
C SER A 816 8.74 34.86 34.31
N LEU A 817 7.53 34.40 33.99
CA LEU A 817 7.29 33.03 33.53
C LEU A 817 7.66 32.85 32.06
N GLY A 818 7.42 33.88 31.25
CA GLY A 818 7.79 33.87 29.84
C GLY A 818 9.28 33.65 29.62
N GLU A 819 10.09 34.51 30.21
CA GLU A 819 11.53 34.43 30.09
C GLU A 819 12.03 33.04 30.44
N SER A 820 11.36 32.45 31.40
CA SER A 820 11.75 31.18 31.95
C SER A 820 11.64 30.08 30.91
N CYS A 821 10.49 30.02 30.25
CA CYS A 821 10.27 29.04 29.22
C CYS A 821 11.23 29.25 28.07
N ILE A 822 11.43 30.52 27.68
CA ILE A 822 12.36 30.88 26.61
C ILE A 822 13.73 30.28 26.86
N HIS A 823 14.21 30.42 28.09
CA HIS A 823 15.48 29.88 28.52
C HIS A 823 15.47 28.40 28.35
N MET A 824 14.37 27.78 28.76
CA MET A 824 14.25 26.34 28.65
C MET A 824 13.98 25.92 27.24
N ALA A 825 13.19 26.72 26.54
CA ALA A 825 12.93 26.43 25.15
C ALA A 825 14.27 26.37 24.41
N ARG A 826 15.07 27.41 24.66
CA ARG A 826 16.30 27.65 23.94
C ARG A 826 17.19 26.41 24.06
N ARG A 827 17.30 25.87 25.27
CA ARG A 827 18.17 24.71 25.51
C ARG A 827 17.58 23.47 24.90
N LYS A 828 16.26 23.45 24.87
CA LYS A 828 15.56 22.33 24.32
C LYS A 828 15.77 22.32 22.82
N ILE A 829 15.76 23.52 22.23
CA ILE A 829 15.85 23.69 20.78
C ILE A 829 17.14 23.04 20.33
N ALA A 830 18.23 23.49 20.93
CA ALA A 830 19.54 23.23 20.43
C ALA A 830 19.92 21.77 20.60
N LYS A 831 19.39 21.11 21.63
CA LYS A 831 19.72 19.70 21.80
C LYS A 831 19.14 18.87 20.65
N LEU A 832 18.07 19.40 20.05
CA LEU A 832 17.34 18.73 18.98
C LEU A 832 17.77 19.18 17.60
N ILE A 833 18.36 20.38 17.53
CA ILE A 833 18.60 21.06 16.25
C ILE A 833 20.04 20.96 15.80
N GLY A 834 20.96 21.42 16.65
CA GLY A 834 22.38 21.47 16.31
C GLY A 834 22.89 22.89 16.26
N ASP A 835 24.22 23.04 16.15
CA ASP A 835 24.85 24.36 16.09
C ASP A 835 24.57 25.09 14.77
N VAL A 836 24.67 24.34 13.67
CA VAL A 836 24.40 24.83 12.32
C VAL A 836 23.87 23.67 11.49
N PRO A 837 22.99 23.98 10.54
CA PRO A 837 22.44 22.94 9.66
C PRO A 837 23.51 22.32 8.82
N SER A 838 23.82 21.06 9.10
CA SER A 838 24.85 20.37 8.36
C SER A 838 24.58 20.43 6.84
N VAL A 839 25.63 20.68 6.06
CA VAL A 839 25.55 20.67 4.59
C VAL A 839 25.16 19.28 4.07
N GLU A 840 25.42 18.23 4.87
CA GLU A 840 24.89 16.87 4.61
C GLU A 840 23.41 16.91 4.39
N GLY A 841 22.71 17.49 5.36
CA GLY A 841 21.26 17.57 5.30
C GLY A 841 20.77 18.87 4.70
N MET A 842 21.69 19.67 4.18
CA MET A 842 21.32 20.95 3.63
C MET A 842 21.06 20.82 2.17
N LEU A 843 22.05 20.29 1.46
CA LEU A 843 21.96 20.17 0.02
C LEU A 843 20.90 19.16 -0.37
N ARG A 844 20.86 18.05 0.38
CA ARG A 844 19.97 16.96 0.05
C ARG A 844 18.55 17.15 0.59
N HIS A 845 18.23 18.38 0.98
CA HIS A 845 16.87 18.73 1.31
C HIS A 845 16.38 19.91 0.50
N CYS A 846 17.30 20.66 -0.09
CA CYS A 846 16.92 21.78 -0.96
C CYS A 846 16.30 21.28 -2.26
N ARG A 847 15.27 21.98 -2.72
CA ARG A 847 14.52 21.53 -3.90
C ARG A 847 13.84 22.68 -4.59
N PHE A 848 13.59 22.55 -5.89
CA PHE A 848 12.80 23.55 -6.64
C PHE A 848 11.39 23.08 -6.77
N SER A 849 10.44 23.75 -6.14
CA SER A 849 9.10 23.18 -6.15
C SER A 849 8.03 24.15 -5.86
N GLY A 850 6.89 23.90 -6.49
CA GLY A 850 5.72 24.69 -6.26
C GLY A 850 5.33 25.41 -7.54
N GLY A 851 4.89 26.65 -7.40
CA GLY A 851 4.60 27.46 -8.54
C GLY A 851 5.34 28.77 -8.47
N ALA A 852 4.67 29.77 -7.88
CA ALA A 852 5.03 31.18 -8.03
C ALA A 852 6.29 31.62 -7.34
N THR A 853 7.06 32.46 -8.01
CA THR A 853 8.27 33.03 -7.45
C THR A 853 8.25 34.45 -7.92
N THR A 854 9.15 35.30 -7.42
CA THR A 854 9.15 36.75 -7.81
C THR A 854 9.46 36.98 -9.29
N THR A 855 10.10 35.94 -9.83
CA THR A 855 10.52 35.84 -11.21
C THR A 855 9.40 35.21 -12.03
N ASN A 856 8.66 34.29 -11.43
CA ASN A 856 7.62 33.57 -12.14
C ASN A 856 6.21 33.96 -11.71
N ASN A 857 5.24 33.17 -12.14
CA ASN A 857 3.86 33.29 -11.67
C ASN A 857 3.21 31.93 -11.80
N ARG A 858 1.90 31.88 -11.55
CA ARG A 858 1.19 30.59 -11.49
C ARG A 858 1.34 29.82 -12.81
N SER A 859 1.40 30.56 -13.91
CA SER A 859 1.57 29.97 -15.23
C SER A 859 2.94 29.31 -15.34
N TYR A 860 3.98 30.03 -14.91
CA TYR A 860 5.34 29.51 -15.00
C TYR A 860 5.83 28.96 -13.65
N GLY A 861 5.04 28.07 -13.07
CA GLY A 861 5.28 27.62 -11.70
C GLY A 861 5.96 26.27 -11.51
N HIS A 862 5.84 25.39 -12.50
CA HIS A 862 6.48 24.08 -12.45
C HIS A 862 7.98 24.19 -12.24
N PRO A 863 8.57 23.28 -11.43
CA PRO A 863 10.00 23.16 -11.16
C PRO A 863 10.93 23.22 -12.37
N SER A 864 10.44 22.89 -13.56
CA SER A 864 11.26 22.99 -14.76
C SER A 864 11.45 24.44 -15.21
N PHE A 865 10.47 25.29 -14.90
CA PHE A 865 10.55 26.73 -15.20
C PHE A 865 11.27 27.49 -14.10
N LYS A 866 12.13 26.78 -13.38
CA LYS A 866 12.99 27.36 -12.36
C LYS A 866 14.45 27.16 -12.76
N PHE A 867 14.75 26.01 -13.38
CA PHE A 867 16.10 25.69 -13.92
C PHE A 867 16.25 26.33 -15.28
N ALA A 868 15.10 26.56 -15.92
CA ALA A 868 15.07 27.18 -17.22
C ALA A 868 15.22 28.68 -17.02
N LEU A 869 14.36 29.27 -16.21
CA LEU A 869 14.45 30.70 -15.96
C LEU A 869 15.50 31.09 -14.90
N PRO A 870 16.09 32.29 -15.05
CA PRO A 870 16.95 32.84 -14.00
C PRO A 870 16.13 33.28 -12.78
N GLN A 871 16.19 32.49 -11.71
CA GLN A 871 15.47 32.87 -10.49
C GLN A 871 16.23 33.93 -9.67
N ALA A 872 15.50 34.77 -8.94
CA ALA A 872 16.11 35.87 -8.18
C ALA A 872 16.66 35.47 -6.82
N CYS A 873 17.87 35.89 -6.52
CA CYS A 873 18.46 35.65 -5.23
C CYS A 873 18.32 36.91 -4.36
N THR A 874 19.07 36.98 -3.27
CA THR A 874 18.99 38.10 -2.35
C THR A 874 20.36 38.33 -1.76
N PRO A 875 20.69 39.57 -1.40
CA PRO A 875 22.04 39.95 -1.01
C PRO A 875 22.77 38.87 -0.21
N ARG A 876 22.29 38.55 0.99
CA ARG A 876 22.95 37.62 1.89
C ARG A 876 23.00 36.21 1.32
N ALA A 877 21.98 35.89 0.53
CA ALA A 877 21.74 34.54 0.09
C ALA A 877 22.53 34.18 -1.16
N LEU A 878 23.38 35.10 -1.57
CA LEU A 878 24.12 34.87 -2.76
C LEU A 878 25.12 33.74 -2.59
N LYS A 879 25.76 33.71 -1.42
CA LYS A 879 26.85 32.79 -1.17
C LYS A 879 26.41 31.34 -1.35
N TYR A 880 25.14 31.09 -1.08
CA TYR A 880 24.60 29.77 -1.21
C TYR A 880 24.47 29.41 -2.67
N VAL A 881 23.99 30.37 -3.45
CA VAL A 881 23.68 30.12 -4.85
C VAL A 881 24.98 29.83 -5.57
N LEU A 882 26.03 30.51 -5.13
CA LEU A 882 27.35 30.33 -5.72
C LEU A 882 27.88 28.93 -5.46
N ALA A 883 27.57 28.40 -4.28
CA ALA A 883 27.98 27.06 -3.87
C ALA A 883 27.31 26.05 -4.75
N LEU A 884 26.09 26.35 -5.16
CA LEU A 884 25.40 25.46 -6.04
C LEU A 884 26.06 25.49 -7.41
N ARG A 885 26.51 26.67 -7.82
CA ARG A 885 27.23 26.86 -9.08
C ARG A 885 28.56 26.08 -9.08
N ALA A 886 29.16 26.00 -7.88
CA ALA A 886 30.38 25.25 -7.62
C ALA A 886 30.06 23.79 -7.30
N SER A 887 28.79 23.47 -7.29
CA SER A 887 28.38 22.11 -7.03
C SER A 887 28.17 21.32 -8.32
N THR A 888 28.02 22.02 -9.44
CA THR A 888 27.76 21.35 -10.71
C THR A 888 28.41 22.09 -11.89
N HIS A 889 28.26 21.50 -13.08
CA HIS A 889 28.70 22.11 -14.31
C HIS A 889 27.59 22.87 -15.02
N PHE A 890 26.34 22.61 -14.66
CA PHE A 890 25.18 23.29 -15.26
C PHE A 890 25.07 24.76 -14.88
N ASP A 891 24.04 25.39 -15.41
CA ASP A 891 23.97 26.81 -15.40
C ASP A 891 23.11 27.26 -14.29
N ILE A 892 23.61 28.20 -13.51
CA ILE A 892 22.82 28.72 -12.41
C ILE A 892 22.67 30.19 -12.57
N ARG A 893 21.43 30.63 -12.65
CA ARG A 893 21.15 31.96 -13.13
C ARG A 893 20.44 32.80 -12.13
N ILE A 894 20.95 33.99 -11.90
CA ILE A 894 20.27 34.91 -11.02
C ILE A 894 19.98 36.14 -11.80
N SER A 895 18.71 36.47 -11.92
CA SER A 895 18.32 37.63 -12.66
C SER A 895 18.74 38.80 -11.82
N ASP A 896 17.81 39.35 -11.08
CA ASP A 896 18.15 40.44 -10.23
C ASP A 896 18.78 39.88 -8.97
N ILE A 897 19.35 40.75 -8.17
CA ILE A 897 19.65 40.43 -6.82
C ILE A 897 18.98 41.56 -6.09
N SER A 898 18.03 41.21 -5.23
CA SER A 898 17.26 42.22 -4.56
C SER A 898 16.87 41.65 -3.25
N PRO A 899 16.60 42.51 -2.26
CA PRO A 899 16.12 41.98 -1.01
C PRO A 899 14.61 42.11 -0.88
N PHE A 900 13.91 41.97 -2.00
CA PHE A 900 12.45 42.13 -1.98
C PHE A 900 11.62 40.88 -2.31
N ASN A 901 10.43 40.79 -1.73
CA ASN A 901 9.49 39.73 -2.07
C ASN A 901 8.07 40.25 -2.19
N LYS A 902 7.34 39.82 -3.22
CA LYS A 902 5.98 40.36 -3.50
C LYS A 902 4.92 39.89 -2.53
N ALA A 903 4.38 40.89 -1.86
CA ALA A 903 3.30 40.71 -0.92
C ALA A 903 2.01 40.85 -1.69
N VAL A 904 1.17 39.83 -1.54
CA VAL A 904 -0.07 39.75 -2.28
C VAL A 904 -1.17 39.31 -1.34
N THR A 905 -2.31 38.95 -1.92
CA THR A 905 -3.44 38.49 -1.14
C THR A 905 -4.17 37.33 -1.84
N VAL A 906 -4.24 36.21 -1.14
CA VAL A 906 -5.01 35.03 -1.55
C VAL A 906 -6.35 34.96 -0.79
N PRO A 907 -7.43 34.56 -1.49
CA PRO A 907 -8.74 34.52 -0.85
C PRO A 907 -8.78 33.55 0.34
N LYS A 908 -9.40 33.97 1.45
CA LYS A 908 -9.43 33.17 2.68
C LYS A 908 -10.86 32.95 3.21
N ASN A 909 -11.40 34.00 3.82
CA ASN A 909 -12.75 33.96 4.36
C ASN A 909 -13.65 34.90 3.60
N SER A 910 -14.91 34.94 4.00
CA SER A 910 -15.84 35.84 3.38
C SER A 910 -15.80 37.17 4.09
N LYS A 911 -15.09 37.25 5.21
CA LYS A 911 -14.98 38.51 5.91
C LYS A 911 -13.56 39.06 5.81
N THR A 912 -12.64 38.24 5.30
CA THR A 912 -11.22 38.60 5.19
C THR A 912 -10.45 37.76 4.18
N ASP A 913 -9.27 38.22 3.79
CA ASP A 913 -8.38 37.43 2.95
C ASP A 913 -7.07 37.05 3.66
N ARG A 914 -6.13 36.46 2.93
CA ARG A 914 -4.81 36.19 3.49
C ARG A 914 -3.85 37.30 3.10
N CYS A 915 -2.56 37.09 3.33
CA CYS A 915 -1.53 38.01 2.88
C CYS A 915 -0.27 37.22 2.65
N ILE A 916 -0.35 36.14 1.89
CA ILE A 916 0.83 35.35 1.60
C ILE A 916 1.96 36.22 0.96
N ALA A 917 3.17 35.70 0.98
CA ALA A 917 4.27 36.40 0.38
C ALA A 917 5.05 35.49 -0.60
N ILE A 918 5.13 35.96 -1.85
CA ILE A 918 5.86 35.27 -2.90
C ILE A 918 7.33 35.57 -2.75
N GLU A 919 8.08 34.53 -2.40
CA GLU A 919 9.52 34.63 -2.17
C GLU A 919 10.31 34.46 -3.47
N PRO A 920 11.43 35.16 -3.59
CA PRO A 920 12.42 34.94 -4.65
C PRO A 920 12.79 33.47 -4.84
N GLY A 921 12.91 33.03 -6.10
CA GLY A 921 13.13 31.62 -6.43
C GLY A 921 14.33 30.89 -5.84
N TRP A 922 15.42 31.60 -5.55
CA TRP A 922 16.60 30.97 -4.95
C TRP A 922 16.56 30.90 -3.47
N ASN A 923 15.95 31.88 -2.85
CA ASN A 923 15.69 31.80 -1.42
C ASN A 923 14.75 30.62 -1.12
N MET A 924 13.64 30.59 -1.82
CA MET A 924 12.76 29.44 -1.76
C MET A 924 13.43 28.08 -1.97
N PHE A 925 14.49 28.03 -2.79
CA PHE A 925 15.15 26.77 -3.09
C PHE A 925 15.82 26.25 -1.85
N PHE A 926 16.44 27.17 -1.13
CA PHE A 926 17.18 26.83 0.09
C PHE A 926 16.28 26.87 1.30
N GLN A 927 15.22 27.67 1.24
CA GLN A 927 14.29 27.74 2.33
C GLN A 927 13.65 26.36 2.52
N LEU A 928 13.30 25.72 1.41
CA LEU A 928 12.70 24.37 1.43
C LEU A 928 13.73 23.36 1.86
N GLY A 929 14.99 23.74 1.67
CA GLY A 929 16.09 22.93 2.12
C GLY A 929 16.15 22.79 3.61
N ILE A 930 16.28 23.92 4.30
CA ILE A 930 16.33 23.95 5.75
C ILE A 930 15.00 23.44 6.30
N GLY A 931 13.88 23.81 5.66
CA GLY A 931 12.58 23.33 6.13
C GLY A 931 12.42 21.82 6.05
N GLY A 932 13.39 21.12 5.47
CA GLY A 932 13.29 19.68 5.29
C GLY A 932 14.09 18.98 6.35
N ILE A 933 15.25 19.58 6.66
CA ILE A 933 16.06 19.15 7.77
C ILE A 933 15.43 19.61 9.09
N LEU A 934 14.88 20.81 9.11
CA LEU A 934 14.20 21.33 10.27
C LEU A 934 12.79 20.75 10.33
N ARG A 935 12.58 19.64 9.63
CA ARG A 935 11.30 18.95 9.64
C ARG A 935 11.52 17.56 10.13
N ASP A 936 12.39 16.83 9.43
CA ASP A 936 12.74 15.46 9.76
C ASP A 936 13.29 15.39 11.18
N ARG A 937 14.08 16.40 11.53
CA ARG A 937 14.69 16.50 12.85
C ARG A 937 13.63 16.81 13.90
N LEU A 938 12.55 17.44 13.48
CA LEU A 938 11.46 17.76 14.40
C LEU A 938 10.57 16.55 14.67
N ARG A 939 11.01 15.38 14.20
CA ARG A 939 10.25 14.17 14.38
C ARG A 939 10.66 13.48 15.68
N CYS A 940 11.87 13.75 16.15
CA CYS A 940 12.32 13.27 17.47
C CYS A 940 11.45 13.70 18.64
N TRP A 941 10.77 14.83 18.54
CA TRP A 941 9.80 15.25 19.55
C TRP A 941 8.47 14.69 19.28
N GLY A 942 8.44 13.76 18.31
CA GLY A 942 7.27 12.97 18.01
C GLY A 942 6.28 13.74 17.17
N ILE A 943 6.75 14.75 16.46
CA ILE A 943 5.81 15.58 15.71
C ILE A 943 5.92 15.20 14.25
N ASP A 944 4.81 14.71 13.69
CA ASP A 944 4.81 14.35 12.27
C ASP A 944 3.98 15.33 11.44
N LEU A 945 4.68 15.98 10.51
CA LEU A 945 4.11 17.04 9.72
C LEU A 945 3.56 16.53 8.39
N ASN A 946 4.16 15.49 7.86
CA ASN A 946 3.62 14.86 6.67
C ASN A 946 2.62 13.71 7.02
N ASP A 947 2.06 13.81 8.21
CA ASP A 947 1.05 12.86 8.68
C ASP A 947 0.19 13.57 9.73
N GLN A 948 -0.86 14.22 9.27
CA GLN A 948 -1.60 15.02 10.18
C GLN A 948 -2.70 14.20 10.82
N THR A 949 -2.73 12.91 10.52
CA THR A 949 -3.62 11.94 11.18
C THR A 949 -3.41 12.02 12.66
N ILE A 950 -2.14 12.03 13.06
CA ILE A 950 -1.74 11.94 14.47
C ILE A 950 -2.00 13.25 15.21
N ASN A 951 -2.86 14.11 14.67
CA ASN A 951 -3.15 15.34 15.35
C ASN A 951 -4.65 15.62 15.43
N GLN A 952 -5.37 15.04 14.49
CA GLN A 952 -6.81 15.07 14.53
C GLN A 952 -7.30 13.82 15.25
N ARG A 953 -6.40 12.85 15.42
CA ARG A 953 -6.69 11.65 16.18
C ARG A 953 -6.66 12.00 17.65
N ARG A 954 -5.78 12.91 18.02
CA ARG A 954 -5.72 13.40 19.39
C ARG A 954 -6.71 14.52 19.60
N ALA A 955 -7.31 15.04 18.55
CA ALA A 955 -8.42 15.97 18.72
C ALA A 955 -9.66 15.17 19.10
N HIS A 956 -9.68 13.90 18.66
CA HIS A 956 -10.73 12.95 18.99
C HIS A 956 -10.75 12.66 20.46
N GLU A 957 -9.60 12.25 20.95
CA GLU A 957 -9.42 11.87 22.32
C GLU A 957 -9.79 13.03 23.22
N GLY A 958 -9.36 14.23 22.90
CA GLY A 958 -9.61 15.36 23.77
C GLY A 958 -11.07 15.76 23.83
N SER A 959 -11.84 15.34 22.84
CA SER A 959 -13.24 15.74 22.77
C SER A 959 -14.04 14.97 23.80
N VAL A 960 -13.44 13.89 24.30
CA VAL A 960 -14.01 13.05 25.36
C VAL A 960 -13.21 13.16 26.68
N THR A 961 -11.91 12.89 26.61
CA THR A 961 -10.95 12.85 27.71
C THR A 961 -10.94 14.17 28.43
N ASN A 962 -11.21 15.27 27.74
CA ASN A 962 -11.10 16.57 28.35
C ASN A 962 -9.76 16.91 28.99
N ASN A 963 -8.70 16.16 28.64
CA ASN A 963 -7.34 16.44 29.12
C ASN A 963 -6.45 17.03 28.02
N LEU A 964 -6.79 16.66 26.80
CA LEU A 964 -6.15 17.23 25.64
C LEU A 964 -6.93 18.47 25.14
N ALA A 965 -6.21 19.57 25.03
CA ALA A 965 -6.81 20.80 24.56
C ALA A 965 -6.16 21.26 23.26
N THR A 966 -7.01 21.52 22.26
CA THR A 966 -6.59 22.09 20.98
C THR A 966 -6.41 23.60 21.09
N VAL A 967 -5.31 24.11 20.54
CA VAL A 967 -5.01 25.51 20.59
C VAL A 967 -4.76 26.09 19.19
N ASP A 968 -5.34 27.26 18.94
CA ASP A 968 -5.08 28.02 17.72
C ASP A 968 -4.65 29.44 18.09
N LEU A 969 -3.52 29.87 17.55
CA LEU A 969 -3.11 31.27 17.74
C LEU A 969 -3.89 32.17 16.77
N SER A 970 -3.49 33.43 16.60
CA SER A 970 -4.29 34.33 15.81
C SER A 970 -3.66 34.59 14.49
N ALA A 971 -2.36 34.80 14.43
CA ALA A 971 -1.71 35.08 13.16
C ALA A 971 -0.33 34.44 13.12
N ALA A 972 -0.28 33.11 13.00
CA ALA A 972 0.86 32.35 13.53
C ALA A 972 2.23 32.77 13.00
N SER A 973 2.45 32.43 11.76
CA SER A 973 3.67 32.76 11.07
C SER A 973 3.99 34.27 11.05
N ASP A 974 2.96 35.11 10.96
CA ASP A 974 3.18 36.56 10.86
C ASP A 974 3.48 37.21 12.20
N SER A 975 3.26 36.47 13.26
CA SER A 975 3.48 37.02 14.57
C SER A 975 4.83 36.65 15.17
N ILE A 976 5.49 35.63 14.58
CA ILE A 976 6.82 35.19 15.01
C ILE A 976 7.88 36.28 14.78
N SER A 977 8.35 36.90 15.85
CA SER A 977 9.24 38.06 15.71
C SER A 977 10.67 37.65 15.48
N LEU A 978 11.47 38.56 14.97
CA LEU A 978 12.91 38.31 14.84
C LEU A 978 13.54 38.10 16.20
N ALA A 979 12.98 38.79 17.21
CA ALA A 979 13.48 38.75 18.57
C ALA A 979 13.39 37.35 19.10
N LEU A 980 12.18 36.80 19.16
CA LEU A 980 11.99 35.47 19.69
C LEU A 980 12.78 34.46 18.89
N CYS A 981 12.80 34.64 17.58
CA CYS A 981 13.45 33.68 16.70
C CYS A 981 14.95 33.66 16.98
N GLU A 982 15.42 34.76 17.52
CA GLU A 982 16.83 34.97 17.78
C GLU A 982 17.21 34.33 19.08
N LEU A 983 16.36 34.50 20.08
CA LEU A 983 16.65 34.07 21.44
C LEU A 983 16.71 32.56 21.47
N LEU A 984 15.82 31.91 20.73
CA LEU A 984 15.70 30.46 20.76
C LEU A 984 16.71 29.70 19.89
N LEU A 985 16.78 30.02 18.62
CA LEU A 985 17.61 29.29 17.70
C LEU A 985 19.05 29.45 18.04
N PRO A 986 19.87 28.45 17.67
CA PRO A 986 21.34 28.56 17.76
C PRO A 986 21.83 29.63 16.81
N PRO A 987 22.87 30.38 17.18
CA PRO A 987 23.16 31.53 16.34
C PRO A 987 23.65 31.09 14.96
N GLY A 988 24.22 29.89 14.85
CA GLY A 988 24.54 29.29 13.55
C GLY A 988 23.30 29.17 12.64
N TRP A 989 22.24 28.58 13.18
CA TRP A 989 20.96 28.50 12.49
C TRP A 989 20.33 29.84 12.31
N PHE A 990 20.42 30.67 13.33
CA PHE A 990 19.78 31.95 13.26
C PHE A 990 20.39 32.80 12.18
N GLU A 991 21.54 32.38 11.67
CA GLU A 991 22.14 33.04 10.49
C GLU A 991 21.64 32.41 9.20
N VAL A 992 21.53 31.09 9.19
CA VAL A 992 21.01 30.40 8.01
C VAL A 992 19.52 30.75 7.83
N LEU A 993 18.96 31.36 8.87
CA LEU A 993 17.56 31.78 8.82
C LEU A 993 17.46 33.26 8.56
N MET A 994 18.61 33.92 8.66
CA MET A 994 18.65 35.32 8.37
C MET A 994 19.18 35.55 6.97
N ASP A 995 20.00 34.62 6.47
CA ASP A 995 20.52 34.72 5.10
C ASP A 995 19.43 34.40 4.07
N LEU A 996 18.61 33.42 4.39
CA LEU A 996 17.66 32.94 3.42
C LEU A 996 16.38 33.70 3.45
N ARG A 997 16.08 34.30 4.58
CA ARG A 997 14.87 35.09 4.68
C ARG A 997 14.88 36.36 3.80
N SER A 998 13.67 36.80 3.48
CA SER A 998 13.48 38.03 2.77
C SER A 998 13.21 39.13 3.78
N PRO A 999 14.15 40.08 3.87
CA PRO A 999 14.16 41.09 4.90
C PRO A 999 13.23 42.25 4.59
N LYS A 1000 12.95 42.45 3.30
CA LYS A 1000 12.07 43.52 2.86
C LYS A 1000 11.08 42.97 1.84
N GLY A 1001 9.91 43.61 1.74
CA GLY A 1001 8.84 43.17 0.84
C GLY A 1001 8.21 44.33 0.13
N ARG A 1002 7.64 44.10 -1.05
CA ARG A 1002 6.96 45.18 -1.76
C ARG A 1002 5.51 44.86 -2.03
N LEU A 1003 4.65 45.73 -1.52
CA LEU A 1003 3.21 45.59 -1.69
C LEU A 1003 2.65 46.11 -3.02
N PRO A 1004 1.38 45.75 -3.33
CA PRO A 1004 0.63 46.39 -4.41
C PRO A 1004 0.44 47.87 -4.14
N ASP A 1005 0.57 48.24 -2.87
CA ASP A 1005 0.34 49.61 -2.41
C ASP A 1005 1.56 50.45 -2.78
N GLY A 1006 2.49 49.82 -3.51
CA GLY A 1006 3.75 50.43 -3.94
C GLY A 1006 4.77 50.44 -2.82
N SER A 1007 4.27 50.77 -1.62
CA SER A 1007 5.08 51.00 -0.42
C SER A 1007 5.86 49.74 -0.08
N VAL A 1008 7.05 49.93 0.48
CA VAL A 1008 7.87 48.80 0.91
C VAL A 1008 7.80 48.67 2.40
N VAL A 1009 8.12 47.47 2.88
CA VAL A 1009 8.26 47.21 4.30
C VAL A 1009 9.47 46.30 4.58
N THR A 1010 10.15 46.60 5.67
CA THR A 1010 11.19 45.74 6.27
C THR A 1010 10.54 44.77 7.26
N TYR A 1011 10.84 43.48 7.13
CA TYR A 1011 10.10 42.49 7.90
C TYR A 1011 10.55 42.39 9.37
N GLU A 1012 9.69 42.85 10.29
CA GLU A 1012 9.80 42.59 11.75
C GLU A 1012 9.66 41.10 12.01
N LYS A 1013 8.62 40.50 11.43
CA LYS A 1013 8.44 39.07 11.43
C LYS A 1013 9.63 38.42 10.75
N ILE A 1014 10.21 37.42 11.40
CA ILE A 1014 11.40 36.79 10.86
C ILE A 1014 11.09 36.23 9.49
N SER A 1015 9.84 35.80 9.29
CA SER A 1015 9.40 35.21 8.05
C SER A 1015 7.90 35.17 8.01
N SER A 1016 7.39 35.39 6.81
CA SER A 1016 5.95 35.44 6.59
C SER A 1016 5.43 34.12 6.02
N MET A 1017 4.16 34.14 5.68
CA MET A 1017 3.54 33.02 5.04
C MET A 1017 4.07 32.89 3.61
N GLY A 1018 4.33 31.65 3.20
CA GLY A 1018 4.74 31.39 1.81
C GLY A 1018 6.24 31.27 1.71
N ASN A 1019 6.89 31.80 2.73
CA ASN A 1019 8.30 31.59 2.94
C ASN A 1019 8.60 30.10 3.01
N GLY A 1020 9.75 29.67 2.50
CA GLY A 1020 10.00 28.24 2.28
C GLY A 1020 10.34 27.34 3.46
N TYR A 1021 10.34 27.93 4.65
CA TYR A 1021 10.55 27.15 5.85
C TYR A 1021 9.63 27.44 7.00
N THR A 1022 8.81 28.50 6.89
CA THR A 1022 8.10 29.08 8.06
C THR A 1022 7.23 28.06 8.78
N PHE A 1023 6.66 27.13 8.03
CA PHE A 1023 5.81 26.15 8.65
C PHE A 1023 6.51 25.26 9.66
N GLU A 1024 7.75 24.91 9.37
CA GLU A 1024 8.52 24.03 10.24
C GLU A 1024 8.97 24.81 11.43
N LEU A 1025 9.53 25.97 11.18
CA LEU A 1025 9.98 26.87 12.22
C LEU A 1025 8.86 27.18 13.20
N GLU A 1026 7.69 27.57 12.72
CA GLU A 1026 6.57 27.84 13.62
C GLU A 1026 6.12 26.61 14.44
N SER A 1027 6.23 25.45 13.83
CA SER A 1027 5.91 24.20 14.48
C SER A 1027 6.88 23.96 15.65
N LEU A 1028 8.16 24.01 15.31
CA LEU A 1028 9.24 23.86 16.26
C LEU A 1028 9.24 24.92 17.36
N ILE A 1029 8.94 26.18 17.03
CA ILE A 1029 8.87 27.23 18.02
C ILE A 1029 7.78 26.94 19.01
N PHE A 1030 6.58 26.64 18.50
CA PHE A 1030 5.43 26.46 19.37
C PHE A 1030 5.59 25.22 20.21
N ALA A 1031 6.11 24.15 19.59
CA ALA A 1031 6.38 22.85 20.24
C ALA A 1031 7.48 22.98 21.28
N SER A 1032 8.46 23.83 21.00
CA SER A 1032 9.51 24.08 21.92
C SER A 1032 8.89 24.65 23.17
N LEU A 1033 8.12 25.72 22.98
CA LEU A 1033 7.44 26.42 24.10
C LEU A 1033 6.45 25.56 24.82
N ALA A 1034 5.60 24.88 24.06
CA ALA A 1034 4.68 23.94 24.65
C ALA A 1034 5.34 22.90 25.56
N ARG A 1035 6.48 22.33 25.15
CA ARG A 1035 7.18 21.40 26.01
C ARG A 1035 7.78 22.08 27.25
N SER A 1036 8.35 23.27 27.07
CA SER A 1036 8.85 24.02 28.21
C SER A 1036 7.75 24.41 29.16
N VAL A 1037 6.51 24.47 28.69
CA VAL A 1037 5.35 24.79 29.52
C VAL A 1037 4.95 23.54 30.27
N CYS A 1038 5.44 22.40 29.80
CA CYS A 1038 5.13 21.13 30.43
C CYS A 1038 6.07 20.78 31.57
N GLU A 1039 7.37 20.81 31.31
CA GLU A 1039 8.32 20.42 32.31
C GLU A 1039 8.30 21.44 33.42
N ILE A 1040 7.88 22.65 33.13
CA ILE A 1040 7.80 23.70 34.13
C ILE A 1040 6.63 23.47 35.04
N LEU A 1041 5.75 22.57 34.62
CA LEU A 1041 4.53 22.34 35.36
C LEU A 1041 4.37 20.86 35.72
N ASP A 1042 5.51 20.18 35.86
CA ASP A 1042 5.61 18.76 36.18
C ASP A 1042 4.64 17.92 35.35
N LEU A 1043 4.91 17.85 34.06
CA LEU A 1043 4.04 17.14 33.13
C LEU A 1043 4.79 16.73 31.87
N ASP A 1044 4.41 15.59 31.30
CA ASP A 1044 5.10 15.07 30.12
C ASP A 1044 5.11 16.05 28.93
N SER A 1045 6.30 16.44 28.49
CA SER A 1045 6.45 17.23 27.29
C SER A 1045 6.09 16.40 26.06
N SER A 1046 6.17 15.07 26.20
CA SER A 1046 5.83 14.12 25.13
C SER A 1046 4.31 13.91 24.98
N GLU A 1047 3.52 14.62 25.79
CA GLU A 1047 2.09 14.69 25.57
C GLU A 1047 1.74 15.92 24.72
N VAL A 1048 2.77 16.53 24.10
CA VAL A 1048 2.61 17.70 23.22
C VAL A 1048 2.73 17.33 21.74
N THR A 1049 1.78 17.82 20.94
CA THR A 1049 1.80 17.67 19.48
C THR A 1049 1.47 19.02 18.83
N VAL A 1050 2.20 19.39 17.79
CA VAL A 1050 2.06 20.70 17.16
C VAL A 1050 2.07 20.52 15.66
N TYR A 1051 1.04 21.05 14.99
CA TYR A 1051 1.01 21.02 13.53
C TYR A 1051 0.88 22.43 13.02
N GLY A 1052 2.01 23.06 12.83
CA GLY A 1052 1.94 24.44 12.46
C GLY A 1052 1.42 25.17 13.67
N ASP A 1053 0.23 25.73 13.60
CA ASP A 1053 -0.27 26.47 14.72
C ASP A 1053 -1.29 25.57 15.37
N ASP A 1054 -1.65 24.53 14.66
CA ASP A 1054 -2.63 23.63 15.18
C ASP A 1054 -1.99 22.77 16.31
N ILE A 1055 -1.73 23.37 17.47
CA ILE A 1055 -1.02 22.70 18.56
C ILE A 1055 -1.96 22.10 19.60
N ILE A 1056 -1.60 20.94 20.13
CA ILE A 1056 -2.41 20.21 21.10
C ILE A 1056 -1.59 19.79 22.33
N LEU A 1057 -2.03 20.19 23.52
CA LEU A 1057 -1.28 19.91 24.72
C LEU A 1057 -2.24 19.61 25.91
N PRO A 1058 -1.72 18.99 27.01
CA PRO A 1058 -2.39 18.84 28.31
C PRO A 1058 -3.13 20.11 28.76
N SER A 1059 -4.42 19.97 29.12
CA SER A 1059 -5.35 21.10 29.35
C SER A 1059 -4.89 22.03 30.44
N CYS A 1060 -4.21 21.45 31.43
CA CYS A 1060 -3.68 22.17 32.58
C CYS A 1060 -2.65 23.21 32.16
N ALA A 1061 -1.88 22.89 31.13
CA ALA A 1061 -0.76 23.74 30.71
C ALA A 1061 -1.27 24.99 29.99
N VAL A 1062 -2.58 25.01 29.70
CA VAL A 1062 -3.17 26.02 28.84
C VAL A 1062 -3.04 27.45 29.36
N PRO A 1063 -3.51 27.76 30.60
CA PRO A 1063 -3.34 29.13 31.09
C PRO A 1063 -1.87 29.57 31.18
N ALA A 1064 -0.95 28.65 31.46
CA ALA A 1064 0.51 28.97 31.45
C ALA A 1064 0.98 29.24 30.04
N LEU A 1065 0.68 28.30 29.14
CA LEU A 1065 1.03 28.42 27.74
C LEU A 1065 0.43 29.68 27.15
N ARG A 1066 -0.80 29.98 27.51
CA ARG A 1066 -1.46 31.22 27.08
C ARG A 1066 -0.73 32.46 27.59
N GLU A 1067 -0.23 32.40 28.82
CA GLU A 1067 0.51 33.53 29.35
C GLU A 1067 1.93 33.60 28.80
N VAL A 1068 2.51 32.45 28.47
CA VAL A 1068 3.79 32.40 27.69
C VAL A 1068 3.64 33.13 26.35
N PHE A 1069 2.57 32.81 25.63
CA PHE A 1069 2.34 33.38 24.32
C PHE A 1069 2.10 34.87 24.40
N LYS A 1070 1.40 35.31 25.43
CA LYS A 1070 1.16 36.71 25.64
C LYS A 1070 2.49 37.44 25.71
N TYR A 1071 3.53 36.75 26.16
CA TYR A 1071 4.85 37.37 26.34
C TYR A 1071 5.70 37.30 25.10
N VAL A 1072 5.71 36.12 24.49
CA VAL A 1072 6.63 35.87 23.38
C VAL A 1072 6.11 36.40 22.04
N GLY A 1073 5.15 37.30 22.12
CA GLY A 1073 4.60 37.93 20.93
C GLY A 1073 3.20 37.44 20.65
N PHE A 1074 3.05 36.12 20.58
CA PHE A 1074 1.90 35.48 19.97
C PHE A 1074 0.64 35.88 20.66
N THR A 1075 -0.49 35.62 20.01
CA THR A 1075 -1.81 35.82 20.62
C THR A 1075 -2.81 34.70 20.29
N THR A 1076 -3.38 34.11 21.34
CA THR A 1076 -4.21 32.91 21.23
C THR A 1076 -5.58 33.26 20.72
N ASN A 1077 -6.18 32.33 19.97
CA ASN A 1077 -7.48 32.58 19.40
C ASN A 1077 -8.55 31.97 20.28
N THR A 1078 -9.02 32.74 21.27
CA THR A 1078 -10.04 32.26 22.21
C THR A 1078 -11.14 31.45 21.53
N LYS A 1079 -11.46 31.81 20.29
CA LYS A 1079 -12.55 31.18 19.58
C LYS A 1079 -12.18 29.86 18.95
N LYS A 1080 -10.90 29.60 18.85
CA LYS A 1080 -10.46 28.38 18.20
C LYS A 1080 -9.51 27.52 19.05
N THR A 1081 -9.24 28.02 20.26
CA THR A 1081 -8.57 27.21 21.30
C THR A 1081 -9.59 26.68 22.31
N PHE A 1082 -9.62 25.36 22.45
CA PHE A 1082 -10.60 24.76 23.29
C PHE A 1082 -9.97 23.89 24.36
N SER A 1083 -10.29 24.20 25.61
CA SER A 1083 -9.71 23.50 26.75
C SER A 1083 -10.76 22.92 27.70
N GLU A 1084 -11.91 23.59 27.84
CA GLU A 1084 -12.90 23.15 28.81
C GLU A 1084 -14.16 22.57 28.17
N GLY A 1085 -14.29 22.75 26.86
CA GLY A 1085 -15.50 22.32 26.14
C GLY A 1085 -15.62 20.83 25.84
N PRO A 1086 -16.83 20.36 25.45
CA PRO A 1086 -17.02 18.98 25.01
C PRO A 1086 -16.54 18.81 23.60
N PHE A 1087 -16.20 19.94 22.97
CA PHE A 1087 -15.79 20.05 21.56
C PHE A 1087 -14.32 20.41 21.39
N ARG A 1088 -13.65 19.69 20.50
CA ARG A 1088 -12.26 19.97 20.12
C ARG A 1088 -12.12 19.96 18.58
N GLU A 1089 -11.16 20.70 18.03
CA GLU A 1089 -10.91 20.63 16.59
C GLU A 1089 -9.43 20.75 16.26
N SER A 1090 -8.99 19.97 15.27
CA SER A 1090 -7.56 19.94 14.90
C SER A 1090 -7.32 19.33 13.52
N CYS A 1091 -6.39 19.92 12.76
CA CYS A 1091 -6.02 19.50 11.43
C CYS A 1091 -7.22 19.25 10.60
N GLY A 1092 -8.25 20.06 10.82
CA GLY A 1092 -9.46 20.06 10.02
C GLY A 1092 -10.40 18.91 10.31
N LYS A 1093 -10.30 18.38 11.51
CA LYS A 1093 -11.27 17.43 11.95
C LYS A 1093 -11.86 17.96 13.24
N HIS A 1094 -13.17 18.12 13.25
CA HIS A 1094 -13.86 18.66 14.42
C HIS A 1094 -14.53 17.55 15.16
N TYR A 1095 -14.58 17.65 16.48
CA TYR A 1095 -15.18 16.57 17.27
C TYR A 1095 -16.04 17.05 18.44
N TYR A 1096 -17.20 16.40 18.61
CA TYR A 1096 -18.08 16.67 19.74
C TYR A 1096 -18.38 15.43 20.53
N SER A 1097 -17.67 15.29 21.66
CA SER A 1097 -17.81 14.17 22.59
C SER A 1097 -17.49 12.88 21.88
N GLY A 1098 -16.45 12.93 21.03
CA GLY A 1098 -15.97 11.77 20.30
C GLY A 1098 -16.74 11.50 19.02
N VAL A 1099 -17.67 12.39 18.67
CA VAL A 1099 -18.51 12.24 17.47
C VAL A 1099 -17.99 13.15 16.37
N ASP A 1100 -18.17 12.75 15.12
CA ASP A 1100 -17.53 13.46 14.00
C ASP A 1100 -18.40 14.59 13.52
N VAL A 1101 -17.96 15.81 13.80
CA VAL A 1101 -18.78 16.96 13.46
C VAL A 1101 -18.14 17.86 12.41
N THR A 1102 -17.16 17.31 11.71
CA THR A 1102 -16.54 17.99 10.57
C THR A 1102 -17.60 18.48 9.56
N PRO A 1103 -17.82 19.80 9.48
CA PRO A 1103 -18.73 20.41 8.51
C PRO A 1103 -18.13 20.42 7.10
N PHE A 1104 -18.74 21.19 6.19
CA PHE A 1104 -18.21 21.42 4.84
C PHE A 1104 -18.64 22.79 4.34
N TYR A 1105 -17.74 23.47 3.65
CA TYR A 1105 -17.97 24.85 3.30
C TYR A 1105 -18.41 24.90 1.86
N ILE A 1106 -19.31 25.84 1.63
CA ILE A 1106 -19.74 26.22 0.29
C ILE A 1106 -18.82 27.39 -0.15
N ARG A 1107 -18.06 27.21 -1.22
CA ARG A 1107 -16.97 28.14 -1.49
C ARG A 1107 -17.27 29.18 -2.55
N HIS A 1108 -17.14 28.84 -3.83
CA HIS A 1108 -17.27 29.81 -4.92
C HIS A 1108 -18.66 29.75 -5.45
N ARG A 1109 -19.06 30.72 -6.28
CA ARG A 1109 -20.45 30.73 -6.81
C ARG A 1109 -20.72 29.54 -7.69
N ILE A 1110 -21.66 28.77 -7.20
CA ILE A 1110 -22.05 27.53 -7.80
C ILE A 1110 -22.71 27.87 -9.13
N VAL A 1111 -22.24 27.23 -10.21
CA VAL A 1111 -22.79 27.48 -11.52
C VAL A 1111 -22.73 26.29 -12.50
N SER A 1112 -21.51 25.84 -12.80
CA SER A 1112 -21.26 24.73 -13.73
C SER A 1112 -21.59 23.45 -13.02
N PRO A 1113 -21.94 22.38 -13.75
CA PRO A 1113 -22.43 21.20 -13.07
C PRO A 1113 -21.32 20.60 -12.21
N ALA A 1114 -20.07 20.89 -12.56
CA ALA A 1114 -18.93 20.50 -11.73
C ALA A 1114 -19.09 21.02 -10.29
N ASP A 1115 -19.57 22.25 -10.14
CA ASP A 1115 -19.69 22.89 -8.81
C ASP A 1115 -20.83 22.28 -7.99
N LEU A 1116 -21.80 21.71 -8.68
CA LEU A 1116 -22.94 21.12 -8.02
C LEU A 1116 -22.75 19.63 -7.82
N ILE A 1117 -22.04 18.98 -8.73
CA ILE A 1117 -21.68 17.60 -8.49
C ILE A 1117 -20.89 17.52 -7.18
N LEU A 1118 -19.99 18.47 -7.00
CA LEU A 1118 -19.15 18.47 -5.81
C LEU A 1118 -19.93 18.75 -4.53
N VAL A 1119 -20.79 19.78 -4.54
CA VAL A 1119 -21.55 20.17 -3.36
C VAL A 1119 -22.47 19.09 -2.90
N LEU A 1120 -23.19 18.47 -3.81
CA LEU A 1120 -24.04 17.35 -3.46
C LEU A 1120 -23.20 16.26 -2.80
N ASN A 1121 -22.02 16.02 -3.35
CA ASN A 1121 -21.11 15.03 -2.78
C ASN A 1121 -20.62 15.25 -1.35
N ASN A 1122 -20.25 16.48 -1.03
CA ASN A 1122 -19.86 16.80 0.34
C ASN A 1122 -21.04 16.59 1.26
N LEU A 1123 -22.22 17.00 0.81
CA LEU A 1123 -23.38 16.83 1.63
C LEU A 1123 -23.76 15.38 1.68
N TYR A 1124 -23.33 14.61 0.69
CA TYR A 1124 -23.54 13.16 0.72
C TYR A 1124 -22.70 12.53 1.80
N ARG A 1125 -21.40 12.80 1.78
CA ARG A 1125 -20.48 12.23 2.79
C ARG A 1125 -20.79 12.69 4.22
N TRP A 1126 -21.13 13.98 4.35
CA TRP A 1126 -21.48 14.56 5.64
C TRP A 1126 -22.70 14.01 6.21
N ALA A 1127 -23.58 13.43 5.39
CA ALA A 1127 -24.83 12.83 5.93
C ALA A 1127 -25.08 11.31 5.64
N THR A 1128 -24.01 10.55 5.46
CA THR A 1128 -24.20 9.16 5.16
C THR A 1128 -23.29 8.22 5.94
N ILE A 1129 -23.77 7.01 6.15
CA ILE A 1129 -22.95 5.98 6.73
C ILE A 1129 -23.20 4.75 5.89
N ASP A 1130 -22.25 4.44 5.01
CA ASP A 1130 -22.29 3.25 4.16
C ASP A 1130 -23.53 3.16 3.26
N GLY A 1131 -23.63 4.11 2.33
CA GLY A 1131 -24.73 4.14 1.36
C GLY A 1131 -26.13 4.31 1.94
N VAL A 1132 -26.20 4.59 3.25
CA VAL A 1132 -27.45 4.81 3.94
C VAL A 1132 -27.56 6.26 4.31
N TRP A 1133 -28.64 6.85 3.84
CA TRP A 1133 -28.89 8.27 4.00
C TRP A 1133 -29.50 8.65 5.30
N ASP A 1134 -29.07 9.78 5.83
CA ASP A 1134 -29.82 10.45 6.83
C ASP A 1134 -31.03 11.09 6.15
N PRO A 1135 -32.23 10.54 6.39
CA PRO A 1135 -33.47 10.84 5.65
C PRO A 1135 -33.77 12.32 5.51
N ARG A 1136 -33.52 13.07 6.57
CA ARG A 1136 -33.78 14.48 6.58
C ARG A 1136 -32.94 15.24 5.53
N ALA A 1137 -31.67 14.88 5.40
CA ALA A 1137 -30.80 15.58 4.49
C ALA A 1137 -30.94 14.97 3.13
N HIS A 1138 -31.53 13.79 3.08
CA HIS A 1138 -31.71 13.14 1.81
C HIS A 1138 -32.73 13.80 0.97
N SER A 1139 -33.57 14.64 1.56
CA SER A 1139 -34.60 15.35 0.80
C SER A 1139 -33.97 16.41 -0.09
N VAL A 1140 -33.21 17.30 0.52
CA VAL A 1140 -32.60 18.39 -0.21
C VAL A 1140 -31.56 17.86 -1.16
N TYR A 1141 -31.03 16.67 -0.90
CA TYR A 1141 -30.13 16.03 -1.86
C TYR A 1141 -30.85 15.67 -3.11
N LEU A 1142 -31.89 14.85 -2.99
CA LEU A 1142 -32.68 14.47 -4.15
C LEU A 1142 -33.28 15.69 -4.84
N LYS A 1143 -33.72 16.68 -4.04
CA LYS A 1143 -34.34 17.91 -4.55
C LYS A 1143 -33.41 18.71 -5.47
N TYR A 1144 -32.23 19.06 -4.98
CA TYR A 1144 -31.32 19.78 -5.83
C TYR A 1144 -30.60 18.89 -6.80
N ARG A 1145 -30.80 17.58 -6.69
CA ARG A 1145 -30.24 16.63 -7.66
C ARG A 1145 -30.98 16.79 -9.00
N LYS A 1146 -32.21 17.30 -8.91
CA LYS A 1146 -33.00 17.61 -10.08
C LYS A 1146 -32.37 18.71 -10.88
N LEU A 1147 -31.67 19.62 -10.21
CA LEU A 1147 -31.10 20.75 -10.91
C LEU A 1147 -30.12 20.36 -12.00
N LEU A 1148 -29.44 19.24 -11.79
CA LEU A 1148 -28.49 18.69 -12.75
C LEU A 1148 -29.16 18.11 -13.97
N PRO A 1149 -28.53 18.28 -15.15
CA PRO A 1149 -28.93 17.62 -16.40
C PRO A 1149 -29.25 16.14 -16.27
N LYS A 1150 -30.10 15.70 -17.17
CA LYS A 1150 -30.71 14.38 -17.11
C LYS A 1150 -29.67 13.29 -16.94
N GLN A 1151 -28.68 13.28 -17.83
CA GLN A 1151 -27.70 12.21 -17.81
C GLN A 1151 -26.88 12.34 -16.56
N LEU A 1152 -26.72 13.58 -16.09
CA LEU A 1152 -25.86 13.89 -14.95
C LEU A 1152 -26.53 13.61 -13.61
N GLN A 1153 -27.39 12.61 -13.59
CA GLN A 1153 -28.06 12.25 -12.38
C GLN A 1153 -27.92 10.76 -12.23
N ARG A 1154 -27.96 10.04 -13.34
CA ARG A 1154 -27.79 8.60 -13.35
C ARG A 1154 -26.31 8.18 -13.38
N ASN A 1155 -25.43 9.18 -13.54
CA ASN A 1155 -23.96 9.01 -13.55
C ASN A 1155 -23.37 9.07 -12.15
N THR A 1156 -23.11 7.90 -11.57
CA THR A 1156 -22.62 7.79 -10.19
C THR A 1156 -21.31 7.02 -10.10
N ILE A 1157 -20.48 7.45 -9.15
CA ILE A 1157 -19.21 6.76 -8.85
C ILE A 1157 -19.02 6.47 -7.35
N PRO A 1158 -18.30 5.38 -7.02
CA PRO A 1158 -18.10 5.08 -5.62
C PRO A 1158 -17.27 6.18 -5.00
N ASP A 1159 -17.54 6.53 -3.75
CA ASP A 1159 -16.78 7.60 -3.09
C ASP A 1159 -15.32 7.19 -2.99
N GLY A 1160 -14.44 8.17 -3.18
CA GLY A 1160 -13.01 7.96 -3.11
C GLY A 1160 -12.40 8.07 -4.47
N TYR A 1161 -13.19 8.52 -5.45
CA TYR A 1161 -12.67 8.61 -6.79
C TYR A 1161 -12.69 10.00 -7.34
N GLY A 1162 -13.27 10.94 -6.58
CA GLY A 1162 -13.27 12.35 -6.96
C GLY A 1162 -14.68 12.87 -7.12
N ASP A 1163 -14.81 14.00 -7.79
CA ASP A 1163 -16.13 14.65 -8.00
C ASP A 1163 -16.45 14.91 -9.46
N GLY A 1164 -15.95 14.02 -10.32
CA GLY A 1164 -16.17 14.00 -11.76
C GLY A 1164 -17.58 13.53 -12.05
N ALA A 1165 -18.21 12.93 -11.04
CA ALA A 1165 -19.64 12.60 -11.03
C ALA A 1165 -20.15 12.44 -9.58
N LEU A 1166 -21.46 12.44 -9.40
CA LEU A 1166 -22.05 12.27 -8.10
C LEU A 1166 -21.64 10.96 -7.53
N VAL A 1167 -21.46 10.91 -6.23
CA VAL A 1167 -21.15 9.67 -5.59
C VAL A 1167 -22.41 8.85 -5.34
N GLY A 1168 -22.40 7.62 -5.82
CA GLY A 1168 -23.51 6.69 -5.64
C GLY A 1168 -23.09 5.28 -5.93
N SER A 1169 -24.03 4.35 -5.85
CA SER A 1169 -23.78 2.93 -6.15
C SER A 1169 -23.50 2.79 -7.63
N VAL A 1170 -22.26 2.45 -7.96
CA VAL A 1170 -21.83 2.34 -9.35
C VAL A 1170 -22.43 1.07 -10.01
N LEU A 1171 -23.03 0.19 -9.23
CA LEU A 1171 -23.61 -1.04 -9.80
C LEU A 1171 -24.73 -0.61 -10.72
N ILE A 1172 -25.37 0.50 -10.34
CA ILE A 1172 -26.42 1.23 -11.09
C ILE A 1172 -26.02 1.81 -12.42
N ASN A 1173 -24.87 2.46 -12.45
CA ASN A 1173 -24.57 3.38 -13.52
C ASN A 1173 -24.84 2.81 -14.89
N PRO A 1174 -25.70 3.49 -15.67
CA PRO A 1174 -26.06 3.09 -17.03
C PRO A 1174 -24.86 3.24 -17.92
N PHE A 1175 -24.10 4.28 -17.65
CA PHE A 1175 -22.97 4.65 -18.46
C PHE A 1175 -21.81 3.70 -18.28
N ALA A 1176 -21.72 3.11 -17.10
CA ALA A 1176 -20.64 2.22 -16.82
C ALA A 1176 -20.52 1.14 -17.91
N LYS A 1177 -19.45 1.21 -18.70
CA LYS A 1177 -19.20 0.18 -19.70
C LYS A 1177 -18.34 -0.89 -19.10
N ASN A 1178 -18.76 -2.14 -19.28
CA ASN A 1178 -17.97 -3.28 -18.83
C ASN A 1178 -17.03 -3.76 -19.94
N ARG A 1179 -15.82 -3.24 -19.96
CA ARG A 1179 -14.84 -3.59 -20.99
C ARG A 1179 -13.72 -4.40 -20.39
N GLY A 1180 -13.37 -5.52 -21.04
CA GLY A 1180 -12.20 -6.31 -20.64
C GLY A 1180 -12.24 -6.81 -19.20
N TRP A 1181 -13.43 -7.14 -18.75
CA TRP A 1181 -13.64 -7.64 -17.39
C TRP A 1181 -13.25 -6.67 -16.35
N ILE A 1182 -13.37 -5.39 -16.68
CA ILE A 1182 -13.11 -4.34 -15.72
C ILE A 1182 -14.03 -3.17 -15.96
N ARG A 1183 -14.67 -2.73 -14.88
CA ARG A 1183 -15.64 -1.64 -14.92
C ARG A 1183 -14.95 -0.29 -15.24
N TYR A 1184 -15.41 0.38 -16.31
CA TYR A 1184 -14.95 1.73 -16.72
C TYR A 1184 -16.06 2.75 -16.67
N VAL A 1185 -15.77 3.88 -16.07
CA VAL A 1185 -16.79 4.88 -15.86
C VAL A 1185 -16.30 6.26 -16.33
N PRO A 1186 -17.21 7.03 -16.94
CA PRO A 1186 -16.90 8.40 -17.37
C PRO A 1186 -17.17 9.46 -16.29
N VAL A 1187 -16.20 10.35 -16.12
CA VAL A 1187 -16.31 11.41 -15.11
C VAL A 1187 -15.79 12.76 -15.62
N ILE A 1188 -16.26 13.86 -15.02
CA ILE A 1188 -15.90 15.22 -15.50
C ILE A 1188 -14.45 15.57 -15.22
N THR A 1189 -13.79 16.10 -16.23
CA THR A 1189 -12.37 16.41 -16.14
C THR A 1189 -12.13 17.76 -16.72
N ASP A 1190 -11.40 18.60 -15.99
CA ASP A 1190 -11.04 19.93 -16.48
C ASP A 1190 -10.21 19.81 -17.75
N HIS A 1191 -10.69 20.48 -18.80
CA HIS A 1191 -10.10 20.40 -20.13
C HIS A 1191 -8.81 21.16 -20.21
N THR A 1192 -7.83 20.60 -20.91
CA THR A 1192 -6.51 21.23 -21.01
C THR A 1192 -5.91 21.12 -22.39
N ARG A 1193 -5.37 22.23 -22.86
CA ARG A 1193 -4.55 22.26 -24.06
C ARG A 1193 -3.10 22.28 -23.64
N ASP A 1194 -2.29 21.39 -24.22
CA ASP A 1194 -0.87 21.26 -23.87
C ASP A 1194 -0.06 22.51 -24.22
N ARG A 1195 1.07 22.69 -23.54
CA ARG A 1195 1.97 23.80 -23.80
C ARG A 1195 3.36 23.23 -23.95
N GLU A 1196 4.22 23.92 -24.70
CA GLU A 1196 5.60 23.47 -24.88
C GLU A 1196 6.32 23.60 -23.54
N ARG A 1197 7.07 22.56 -23.17
CA ARG A 1197 7.83 22.56 -21.91
C ARG A 1197 9.30 22.94 -22.13
N ALA A 1198 9.92 23.57 -21.13
CA ALA A 1198 11.30 24.03 -21.27
C ALA A 1198 12.20 22.81 -21.25
N GLU A 1199 12.66 22.40 -22.42
CA GLU A 1199 13.44 21.15 -22.53
C GLU A 1199 14.70 21.19 -21.68
N LEU A 1200 15.29 22.38 -21.64
CA LEU A 1200 16.44 22.67 -20.81
C LEU A 1200 16.11 22.44 -19.32
N GLY A 1201 15.15 23.20 -18.81
CA GLY A 1201 14.78 23.16 -17.42
C GLY A 1201 14.23 21.83 -16.98
N SER A 1202 13.47 21.19 -17.83
CA SER A 1202 12.86 19.93 -17.47
C SER A 1202 13.93 18.87 -17.36
N TYR A 1203 14.95 18.94 -18.20
CA TYR A 1203 16.03 17.97 -18.15
C TYR A 1203 16.89 18.21 -16.95
N LEU A 1204 17.12 19.48 -16.64
CA LEU A 1204 17.94 19.84 -15.50
C LEU A 1204 17.26 19.45 -14.21
N TYR A 1205 15.94 19.57 -14.21
CA TYR A 1205 15.10 19.19 -13.10
C TYR A 1205 15.03 17.66 -12.97
N ASP A 1206 15.10 16.97 -14.11
CA ASP A 1206 15.03 15.53 -14.16
C ASP A 1206 16.28 14.88 -13.58
N LEU A 1207 17.45 15.48 -13.81
CA LEU A 1207 18.68 14.98 -13.19
C LEU A 1207 18.94 15.53 -11.79
N PHE A 1208 18.16 16.54 -11.42
CA PHE A 1208 18.21 17.09 -10.08
C PHE A 1208 17.40 16.22 -9.14
N SER A 1209 16.36 15.60 -9.69
CA SER A 1209 15.53 14.64 -8.98
C SER A 1209 16.33 13.36 -8.75
N ARG A 1210 17.19 13.03 -9.70
CA ARG A 1210 17.98 11.83 -9.58
C ARG A 1210 19.25 12.06 -8.78
N CYS A 1211 19.36 13.25 -8.19
CA CYS A 1211 20.43 13.49 -7.22
C CYS A 1211 19.84 13.50 -5.83
N LEU A 1212 18.59 13.95 -5.71
CA LEU A 1212 17.89 13.92 -4.44
C LEU A 1212 17.34 12.54 -4.14
N SER A 1213 17.37 11.64 -5.12
CA SER A 1213 16.97 10.25 -4.91
C SER A 1213 18.13 9.49 -4.34
N GLU A 1214 19.31 9.71 -4.89
CA GLU A 1214 20.52 8.98 -4.49
C GLU A 1214 20.91 9.31 -3.06
N SER A 1215 20.98 10.59 -2.73
CA SER A 1215 21.26 11.00 -1.36
C SER A 1215 19.98 11.10 -0.53
N ASN A 1216 19.28 9.97 -0.38
CA ASN A 1216 18.10 9.85 0.49
C ASN A 1216 17.87 8.40 0.96
N ALA A 1234 2.02 -6.78 -2.59
CA ALA A 1234 2.00 -6.37 -1.17
C ALA A 1234 3.30 -5.64 -0.84
N ILE A 1235 4.43 -6.23 -1.23
CA ILE A 1235 5.74 -5.62 -1.02
C ILE A 1235 6.50 -5.43 -2.36
N ASP A 1236 5.86 -4.74 -3.32
CA ASP A 1236 6.39 -4.61 -4.70
C ASP A 1236 5.88 -3.36 -5.45
N GLN A 1237 5.94 -2.18 -4.83
CA GLN A 1237 5.69 -0.94 -5.57
C GLN A 1237 7.05 -0.36 -6.00
N LEU A 1238 8.10 -1.19 -5.88
CA LEU A 1238 9.46 -0.86 -6.35
C LEU A 1238 9.67 -1.26 -7.82
N ILE A 1239 8.55 -1.47 -8.50
CA ILE A 1239 8.52 -1.62 -9.93
C ILE A 1239 8.00 -0.32 -10.55
N CYS A 1240 7.85 0.74 -9.75
CA CYS A 1240 7.29 1.99 -10.24
C CYS A 1240 8.13 3.21 -9.88
N ARG A 1241 8.00 4.25 -10.69
CA ARG A 1241 8.85 5.45 -10.60
C ARG A 1241 8.07 6.70 -10.93
N SER A 1242 8.74 7.84 -10.88
CA SER A 1242 8.11 9.10 -11.23
C SER A 1242 7.93 9.30 -12.73
N ASN A 1243 6.96 10.15 -13.04
CA ASN A 1243 6.56 10.58 -14.39
C ASN A 1243 7.42 11.68 -14.98
N PRO A 1244 7.40 11.80 -16.33
CA PRO A 1244 8.09 12.82 -17.11
C PRO A 1244 7.40 14.18 -16.94
N THR A 1245 8.01 15.24 -17.46
CA THR A 1245 7.46 16.58 -17.27
C THR A 1245 6.68 17.10 -18.49
N LYS A 1246 5.39 17.40 -18.30
CA LYS A 1246 4.56 18.04 -19.33
C LYS A 1246 3.73 19.14 -18.70
N ILE A 1247 3.59 20.28 -19.37
CA ILE A 1247 2.76 21.37 -18.85
C ILE A 1247 1.45 21.48 -19.64
N SER A 1248 0.34 21.64 -18.95
CA SER A 1248 -0.96 21.80 -19.59
C SER A 1248 -1.73 22.97 -18.97
N ARG A 1249 -2.16 23.91 -19.81
CA ARG A 1249 -2.93 25.05 -19.32
C ARG A 1249 -4.43 24.72 -19.17
N SER A 1250 -5.01 25.14 -18.04
CA SER A 1250 -6.43 25.00 -17.75
C SER A 1250 -7.21 25.94 -18.65
N THR A 1251 -8.08 25.38 -19.49
CA THR A 1251 -8.83 26.17 -20.47
C THR A 1251 -10.07 26.88 -19.91
N GLY A 1252 -11.09 26.09 -19.58
CA GLY A 1252 -12.39 26.63 -19.21
C GLY A 1252 -13.46 25.62 -19.57
N LYS A 1253 -13.21 24.84 -20.61
CA LYS A 1253 -14.09 23.74 -20.97
C LYS A 1253 -14.03 22.59 -19.94
N PHE A 1254 -14.95 21.62 -20.09
CA PHE A 1254 -14.94 20.39 -19.33
C PHE A 1254 -14.87 19.25 -20.30
N ASP A 1255 -13.80 18.47 -20.18
CA ASP A 1255 -13.73 17.21 -20.91
C ASP A 1255 -14.20 16.08 -20.00
N ILE A 1256 -14.32 14.88 -20.58
CA ILE A 1256 -14.73 13.72 -19.81
C ILE A 1256 -13.79 12.54 -19.94
N GLN A 1257 -13.18 12.17 -18.82
CA GLN A 1257 -12.18 11.13 -18.79
C GLN A 1257 -12.77 9.84 -18.27
N TYR A 1258 -12.34 8.75 -18.90
CA TYR A 1258 -12.72 7.42 -18.46
C TYR A 1258 -11.71 6.87 -17.46
N ILE A 1259 -12.22 6.35 -16.34
CA ILE A 1259 -11.41 5.77 -15.26
C ILE A 1259 -11.84 4.36 -14.91
N ALA A 1260 -11.15 3.73 -13.95
CA ALA A 1260 -11.51 2.41 -13.43
C ALA A 1260 -12.22 2.49 -12.05
N CYS A 1261 -13.20 1.62 -11.79
CA CYS A 1261 -13.90 1.63 -10.48
C CYS A 1261 -14.07 0.27 -9.81
N SER A 1262 -14.75 0.25 -8.68
CA SER A 1262 -14.96 -1.00 -7.93
C SER A 1262 -16.28 -1.00 -7.17
N SER A 1263 -16.66 -2.17 -6.64
CA SER A 1263 -17.93 -2.37 -5.96
C SER A 1263 -18.03 -1.54 -4.68
N ARG A 1264 -17.49 -2.08 -3.59
CA ARG A 1264 -17.50 -1.47 -2.24
C ARG A 1264 -16.35 -2.03 -1.43
#